data_5ETL
#
_entry.id   5ETL
#
_cell.length_a   69.447
_cell.length_b   36.179
_cell.length_c   121.330
_cell.angle_alpha   90.00
_cell.angle_beta   90.32
_cell.angle_gamma   90.00
#
_symmetry.space_group_name_H-M   'P 1 21 1'
#
loop_
_entity.id
_entity.type
_entity.pdbx_description
1 polymer '2-amino-4-hydroxy-6-hydroxymethyldihydropteridine pyrophosphokinase'
2 non-polymer 'CALCIUM ION'
3 non-polymer "ADENOSINE-5'-TRIPHOSPHATE"
4 non-polymer 2-[(2-azanyl-6-oxidanylidene-3,9-dihydropurin-8-yl)sulfanylmethyl]benzenecarbonitrile
5 water water
#
_entity_poly.entity_id   1
_entity_poly.type   'polypeptide(L)'
_entity_poly.pdbx_seq_one_letter_code
;GSAMTVAYIAIGSNLASPLEQVNAALKALGDIPESHILTVSSFYRTPPLGPQDQPDYLNAAVALETSLAPEELLNHTQRI
ELQQGRVRKAERWGPRTLDLDIMLFGNEVINTERLTVPHYDMKNRGFMLWPLFEIAPELVFPDGEMLRQILHTRAFDKLN
KW
;
_entity_poly.pdbx_strand_id   A,B,C,D
#
loop_
_chem_comp.id
_chem_comp.type
_chem_comp.name
_chem_comp.formula
5RV non-polymer 2-[(2-azanyl-6-oxidanylidene-3,9-dihydropurin-8-yl)sulfanylmethyl]benzenecarbonitrile 'C13 H10 N6 O S'
ATP non-polymer ADENOSINE-5'-TRIPHOSPHATE 'C10 H16 N5 O13 P3'
CA non-polymer 'CALCIUM ION' 'Ca 2'
#
# COMPACT_ATOMS: atom_id res chain seq x y z
N SER A 2 19.64 -4.88 -21.15
CA SER A 2 19.66 -5.04 -19.64
C SER A 2 19.88 -6.50 -19.21
N ALA A 3 20.54 -6.64 -18.06
CA ALA A 3 20.97 -7.95 -17.53
C ALA A 3 19.78 -8.84 -17.15
N MET A 4 20.03 -10.14 -17.15
CA MET A 4 19.03 -11.13 -16.88
C MET A 4 18.91 -11.22 -15.35
N THR A 5 17.70 -11.47 -14.90
CA THR A 5 17.41 -11.73 -13.49
C THR A 5 16.82 -13.12 -13.48
N VAL A 6 17.11 -13.89 -12.44
CA VAL A 6 16.41 -15.14 -12.26
C VAL A 6 15.16 -14.92 -11.38
N ALA A 7 14.00 -15.19 -11.93
CA ALA A 7 12.78 -15.17 -11.17
C ALA A 7 12.37 -16.59 -10.82
N TYR A 8 11.81 -16.75 -9.63
CA TYR A 8 11.30 -18.05 -9.21
C TYR A 8 9.79 -17.98 -9.09
N ILE A 9 9.12 -18.85 -9.82
CA ILE A 9 7.66 -18.87 -9.92
C ILE A 9 7.13 -20.19 -9.34
N ALA A 10 6.14 -20.09 -8.45
CA ALA A 10 5.43 -21.24 -7.93
C ALA A 10 4.30 -21.54 -8.88
N ILE A 11 4.06 -22.83 -9.10
CA ILE A 11 2.98 -23.33 -9.91
C ILE A 11 2.08 -24.19 -9.02
N GLY A 12 0.78 -23.96 -9.11
CA GLY A 12 -0.21 -24.82 -8.45
C GLY A 12 -1.41 -25.06 -9.33
N SER A 13 -1.93 -26.28 -9.28
CA SER A 13 -3.22 -26.57 -9.85
C SER A 13 -3.87 -27.70 -9.04
N ASN A 14 -5.17 -27.59 -8.73
CA ASN A 14 -5.90 -28.69 -8.13
C ASN A 14 -7.22 -29.02 -8.77
N LEU A 15 -7.28 -28.79 -10.05
CA LEU A 15 -8.20 -29.60 -10.81
C LEU A 15 -8.13 -31.10 -10.40
N ALA A 16 -9.26 -31.76 -10.50
CA ALA A 16 -9.27 -33.21 -10.23
C ALA A 16 -8.26 -33.91 -11.14
N SER A 17 -8.07 -33.41 -12.38
CA SER A 17 -6.94 -33.81 -13.27
C SER A 17 -6.13 -32.58 -13.73
N PRO A 18 -4.99 -32.24 -13.05
CA PRO A 18 -4.14 -31.06 -13.23
C PRO A 18 -2.83 -31.13 -14.02
N LEU A 19 -2.36 -32.33 -14.33
CA LEU A 19 -1.04 -32.47 -14.98
C LEU A 19 -1.00 -31.73 -16.33
N GLU A 20 -2.11 -31.75 -17.05
CA GLU A 20 -2.20 -31.04 -18.34
C GLU A 20 -2.18 -29.52 -18.19
N GLN A 21 -2.82 -28.97 -17.15
CA GLN A 21 -2.70 -27.52 -16.85
C GLN A 21 -1.27 -27.14 -16.60
N VAL A 22 -0.59 -27.93 -15.78
CA VAL A 22 0.76 -27.61 -15.41
C VAL A 22 1.73 -27.71 -16.59
N ASN A 23 1.60 -28.77 -17.38
CA ASN A 23 2.47 -28.90 -18.55
C ASN A 23 2.21 -27.80 -19.54
N ALA A 24 0.94 -27.43 -19.74
CA ALA A 24 0.60 -26.33 -20.64
C ALA A 24 1.20 -25.00 -20.10
N ALA A 25 1.18 -24.81 -18.79
CA ALA A 25 1.74 -23.60 -18.18
C ALA A 25 3.25 -23.52 -18.41
N LEU A 26 3.93 -24.66 -18.32
CA LEU A 26 5.37 -24.68 -18.51
C LEU A 26 5.74 -24.32 -19.93
N LYS A 27 4.97 -24.83 -20.88
CA LYS A 27 5.22 -24.48 -22.25
C LYS A 27 5.01 -22.97 -22.44
N ALA A 28 3.94 -22.45 -21.87
CA ALA A 28 3.62 -21.03 -22.03
C ALA A 28 4.71 -20.17 -21.37
N LEU A 29 5.17 -20.58 -20.19
CA LEU A 29 6.23 -19.82 -19.48
C LEU A 29 7.51 -19.76 -20.28
N GLY A 30 7.80 -20.86 -20.97
CA GLY A 30 8.95 -20.96 -21.84
C GLY A 30 8.86 -20.16 -23.10
N ASP A 31 7.65 -19.77 -23.50
CA ASP A 31 7.43 -18.90 -24.68
C ASP A 31 7.34 -17.41 -24.34
N ILE A 32 7.51 -17.04 -23.08
CA ILE A 32 7.45 -15.64 -22.69
C ILE A 32 8.64 -14.90 -23.34
N PRO A 33 8.42 -13.73 -23.95
CA PRO A 33 9.56 -13.03 -24.56
C PRO A 33 10.64 -12.63 -23.57
N GLU A 34 11.88 -12.60 -24.06
CA GLU A 34 13.04 -12.17 -23.28
C GLU A 34 13.27 -13.02 -22.02
N SER A 35 12.80 -14.27 -22.06
CA SER A 35 12.79 -15.13 -20.88
C SER A 35 13.09 -16.55 -21.30
N HIS A 36 13.61 -17.34 -20.37
CA HIS A 36 13.97 -18.72 -20.67
C HIS A 36 13.93 -19.50 -19.40
N ILE A 37 13.35 -20.71 -19.45
CA ILE A 37 13.32 -21.59 -18.29
C ILE A 37 14.70 -22.19 -18.06
N LEU A 38 15.25 -21.97 -16.88
CA LEU A 38 16.52 -22.51 -16.53
C LEU A 38 16.32 -23.84 -15.92
N THR A 39 15.34 -23.99 -15.05
CA THR A 39 15.07 -25.26 -14.35
C THR A 39 13.62 -25.45 -13.90
N VAL A 40 13.14 -26.70 -13.84
CA VAL A 40 11.83 -27.00 -13.30
C VAL A 40 12.01 -28.02 -12.19
N SER A 41 11.30 -27.82 -11.08
CA SER A 41 11.34 -28.78 -10.01
C SER A 41 10.62 -30.06 -10.44
N SER A 42 10.73 -31.10 -9.62
CA SER A 42 9.79 -32.21 -9.68
C SER A 42 8.37 -31.68 -9.44
N PHE A 43 7.40 -32.49 -9.82
CA PHE A 43 6.01 -32.22 -9.49
C PHE A 43 5.67 -32.90 -8.16
N TYR A 44 4.98 -32.20 -7.27
CA TYR A 44 4.60 -32.73 -5.95
C TYR A 44 3.09 -32.78 -5.80
N ARG A 45 2.61 -33.84 -5.15
CA ARG A 45 1.20 -33.95 -4.78
C ARG A 45 1.04 -33.49 -3.35
N THR A 46 0.36 -32.38 -3.13
CA THR A 46 0.22 -31.84 -1.81
C THR A 46 -1.25 -31.82 -1.35
N PRO A 47 -1.50 -32.16 -0.07
CA PRO A 47 -2.90 -32.07 0.37
C PRO A 47 -3.35 -30.61 0.36
N PRO A 48 -4.61 -30.38 -0.01
CA PRO A 48 -5.10 -29.02 -0.16
C PRO A 48 -5.24 -28.33 1.17
N LEU A 49 -4.72 -27.11 1.25
CA LEU A 49 -4.90 -26.28 2.44
C LEU A 49 -6.03 -25.28 2.15
N GLY A 50 -6.96 -25.17 3.07
CA GLY A 50 -8.19 -24.42 2.84
C GLY A 50 -9.37 -25.16 3.40
N PRO A 51 -10.50 -24.45 3.63
CA PRO A 51 -11.62 -25.03 4.33
C PRO A 51 -12.46 -26.02 3.51
N GLN A 52 -12.43 -25.92 2.19
CA GLN A 52 -13.40 -26.65 1.40
C GLN A 52 -12.86 -27.98 0.95
N ASP A 53 -13.72 -28.97 0.82
CA ASP A 53 -13.36 -30.23 0.17
C ASP A 53 -12.91 -30.00 -1.26
N GLN A 54 -11.65 -30.31 -1.54
CA GLN A 54 -11.15 -30.16 -2.89
C GLN A 54 -10.05 -31.18 -3.18
N PRO A 55 -9.66 -31.29 -4.46
CA PRO A 55 -8.59 -32.22 -4.82
C PRO A 55 -7.24 -31.79 -4.31
N ASP A 56 -6.33 -32.75 -4.27
CA ASP A 56 -4.92 -32.43 -3.99
C ASP A 56 -4.33 -31.53 -5.05
N TYR A 57 -3.38 -30.68 -4.63
CA TYR A 57 -2.65 -29.80 -5.55
C TYR A 57 -1.51 -30.55 -6.18
N LEU A 58 -1.24 -30.21 -7.43
CA LEU A 58 0.06 -30.42 -8.01
C LEU A 58 0.82 -29.13 -7.82
N ASN A 59 1.93 -29.19 -7.09
CA ASN A 59 2.77 -28.01 -6.84
C ASN A 59 4.14 -28.21 -7.43
N ALA A 60 4.68 -27.12 -7.98
CA ALA A 60 6.01 -27.15 -8.53
C ALA A 60 6.61 -25.72 -8.51
N ALA A 61 7.87 -25.61 -8.92
CA ALA A 61 8.57 -24.32 -8.96
C ALA A 61 9.41 -24.31 -10.23
N VAL A 62 9.56 -23.14 -10.79
N VAL A 62 9.55 -23.14 -10.82
CA VAL A 62 10.35 -22.92 -12.00
CA VAL A 62 10.37 -22.93 -12.01
C VAL A 62 11.28 -21.74 -11.79
C VAL A 62 11.28 -21.74 -11.79
N ALA A 63 12.51 -21.87 -12.31
CA ALA A 63 13.47 -20.78 -12.37
C ALA A 63 13.45 -20.26 -13.81
N LEU A 64 13.15 -18.98 -13.95
CA LEU A 64 12.96 -18.33 -15.25
C LEU A 64 13.91 -17.16 -15.29
N GLU A 65 14.88 -17.21 -16.19
CA GLU A 65 15.84 -16.14 -16.40
C GLU A 65 15.13 -15.17 -17.31
N THR A 66 15.12 -13.88 -17.01
CA THR A 66 14.38 -12.93 -17.80
C THR A 66 15.01 -11.53 -17.73
N SER A 67 14.88 -10.78 -18.81
CA SER A 67 15.19 -9.35 -18.76
C SER A 67 13.96 -8.46 -18.73
N LEU A 68 12.78 -9.07 -18.54
CA LEU A 68 11.55 -8.30 -18.39
C LEU A 68 11.57 -7.57 -17.06
N ALA A 69 10.90 -6.41 -17.00
CA ALA A 69 10.57 -5.81 -15.72
C ALA A 69 9.61 -6.68 -14.91
N PRO A 70 9.67 -6.58 -13.56
CA PRO A 70 8.88 -7.49 -12.73
C PRO A 70 7.39 -7.42 -13.06
N GLU A 71 6.86 -6.21 -13.23
CA GLU A 71 5.41 -6.09 -13.51
C GLU A 71 5.04 -6.63 -14.89
N GLU A 72 5.99 -6.57 -15.85
CA GLU A 72 5.80 -7.12 -17.15
C GLU A 72 5.75 -8.64 -17.05
N LEU A 73 6.60 -9.25 -16.21
CA LEU A 73 6.51 -10.69 -16.01
C LEU A 73 5.13 -11.09 -15.41
N LEU A 74 4.67 -10.30 -14.44
CA LEU A 74 3.34 -10.48 -13.86
C LEU A 74 2.25 -10.40 -14.93
N ASN A 75 2.39 -9.46 -15.87
CA ASN A 75 1.42 -9.42 -16.97
C ASN A 75 1.32 -10.74 -17.73
N HIS A 76 2.47 -11.37 -17.95
CA HIS A 76 2.51 -12.63 -18.67
C HIS A 76 1.95 -13.77 -17.84
N THR A 77 2.29 -13.83 -16.56
CA THR A 77 1.78 -14.94 -15.73
C THR A 77 0.26 -14.84 -15.56
N GLN A 78 -0.25 -13.61 -15.41
CA GLN A 78 -1.72 -13.40 -15.40
C GLN A 78 -2.41 -13.79 -16.71
N ARG A 79 -1.80 -13.43 -17.84
CA ARG A 79 -2.31 -13.79 -19.14
C ARG A 79 -2.36 -15.31 -19.28
N ILE A 80 -1.29 -15.98 -18.88
CA ILE A 80 -1.28 -17.45 -18.96
C ILE A 80 -2.39 -18.11 -18.12
N GLU A 81 -2.53 -17.69 -16.88
CA GLU A 81 -3.62 -18.17 -16.01
C GLU A 81 -4.99 -18.00 -16.68
N LEU A 82 -5.25 -16.80 -17.19
CA LEU A 82 -6.53 -16.50 -17.87
C LEU A 82 -6.75 -17.23 -19.19
N GLN A 83 -5.69 -17.38 -19.97
CA GLN A 83 -5.78 -18.11 -21.23
C GLN A 83 -5.96 -19.63 -21.02
N GLN A 84 -5.50 -20.14 -19.90
CA GLN A 84 -5.72 -21.52 -19.53
C GLN A 84 -7.01 -21.78 -18.80
N GLY A 85 -7.90 -20.80 -18.72
CA GLY A 85 -9.25 -20.98 -18.19
C GLY A 85 -9.48 -20.62 -16.73
N ARG A 86 -8.56 -19.89 -16.12
CA ARG A 86 -8.76 -19.44 -14.76
C ARG A 86 -9.93 -18.47 -14.67
N VAL A 87 -10.90 -18.81 -13.82
CA VAL A 87 -12.13 -18.01 -13.67
C VAL A 87 -12.30 -17.70 -12.20
N ARG A 88 -12.45 -16.43 -11.88
CA ARG A 88 -12.57 -15.97 -10.51
C ARG A 88 -14.02 -16.27 -10.06
N LYS A 89 -14.16 -16.89 -8.89
CA LYS A 89 -15.46 -16.90 -8.20
C LYS A 89 -15.38 -15.96 -6.98
N ARG A 96 -8.86 -24.39 -8.41
CA ARG A 96 -8.48 -23.48 -9.45
C ARG A 96 -7.65 -24.13 -10.49
N THR A 97 -7.85 -23.71 -11.73
CA THR A 97 -7.17 -24.33 -12.86
C THR A 97 -5.66 -24.18 -12.83
N LEU A 98 -5.21 -22.96 -12.55
CA LEU A 98 -3.82 -22.69 -12.55
C LEU A 98 -3.55 -21.49 -11.66
N ASP A 99 -2.50 -21.60 -10.87
CA ASP A 99 -2.02 -20.46 -10.11
C ASP A 99 -0.51 -20.31 -10.29
N LEU A 100 -0.07 -19.10 -10.66
CA LEU A 100 1.32 -18.79 -10.90
C LEU A 100 1.66 -17.62 -10.00
N ASP A 101 2.43 -17.90 -8.97
CA ASP A 101 2.83 -16.88 -7.99
C ASP A 101 4.27 -16.56 -8.22
N ILE A 102 4.62 -15.28 -8.28
CA ILE A 102 6.01 -14.90 -8.40
C ILE A 102 6.55 -14.93 -6.98
N MET A 103 7.40 -15.91 -6.69
CA MET A 103 8.00 -15.97 -5.36
C MET A 103 9.10 -14.93 -5.17
N LEU A 104 10.03 -14.88 -6.11
CA LEU A 104 11.24 -14.06 -6.01
C LEU A 104 11.55 -13.51 -7.39
N PHE A 105 12.08 -12.28 -7.43
CA PHE A 105 12.57 -11.68 -8.66
C PHE A 105 13.95 -11.16 -8.38
N GLY A 106 14.93 -12.03 -8.60
CA GLY A 106 16.31 -11.79 -8.17
C GLY A 106 16.32 -11.34 -6.74
N ASN A 107 17.05 -10.28 -6.50
CA ASN A 107 17.20 -9.76 -5.14
C ASN A 107 16.19 -8.71 -4.80
N GLU A 108 15.26 -8.42 -5.73
CA GLU A 108 14.39 -7.25 -5.59
C GLU A 108 13.32 -7.41 -4.51
N VAL A 109 13.05 -6.31 -3.82
CA VAL A 109 11.95 -6.21 -2.91
C VAL A 109 10.98 -5.23 -3.54
N ILE A 110 9.79 -5.69 -3.84
CA ILE A 110 8.79 -4.94 -4.56
C ILE A 110 7.54 -4.93 -3.70
N ASN A 111 7.02 -3.73 -3.45
CA ASN A 111 5.73 -3.56 -2.76
C ASN A 111 4.87 -2.57 -3.47
N THR A 112 4.14 -3.00 -4.46
CA THR A 112 3.28 -2.11 -5.21
C THR A 112 1.85 -2.62 -5.11
N GLU A 113 0.91 -1.88 -5.66
CA GLU A 113 -0.49 -2.34 -5.67
C GLU A 113 -0.66 -3.74 -6.27
N ARG A 114 -0.04 -4.00 -7.40
CA ARG A 114 -0.25 -5.27 -8.09
C ARG A 114 0.73 -6.34 -7.71
N LEU A 115 1.86 -5.97 -7.07
CA LEU A 115 2.96 -6.91 -6.96
C LEU A 115 3.74 -6.77 -5.67
N THR A 116 3.77 -7.86 -4.92
CA THR A 116 4.52 -7.95 -3.66
C THR A 116 5.47 -9.11 -3.81
N VAL A 117 6.76 -8.79 -3.81
CA VAL A 117 7.86 -9.76 -3.90
C VAL A 117 8.89 -9.41 -2.83
N PRO A 118 9.42 -10.37 -2.08
CA PRO A 118 9.08 -11.80 -2.13
C PRO A 118 7.64 -12.10 -1.81
N HIS A 119 7.15 -13.23 -2.28
CA HIS A 119 5.80 -13.61 -1.97
C HIS A 119 5.61 -13.52 -0.45
N TYR A 120 4.54 -12.86 -0.02
CA TYR A 120 4.35 -12.50 1.40
C TYR A 120 4.33 -13.67 2.39
N ASP A 121 3.99 -14.86 1.95
CA ASP A 121 3.85 -16.05 2.83
C ASP A 121 4.74 -17.21 2.48
N MET A 122 5.63 -17.04 1.52
CA MET A 122 6.37 -18.21 1.02
C MET A 122 7.24 -18.87 2.09
N LYS A 123 7.75 -18.11 3.04
CA LYS A 123 8.58 -18.73 4.08
C LYS A 123 7.80 -19.62 5.02
N ASN A 124 6.48 -19.63 4.88
CA ASN A 124 5.64 -20.45 5.70
C ASN A 124 5.03 -21.65 4.96
N ARG A 125 5.42 -21.82 3.70
CA ARG A 125 4.79 -22.82 2.83
C ARG A 125 5.77 -23.86 2.33
N GLY A 126 5.64 -25.08 2.87
CA GLY A 126 6.49 -26.19 2.43
C GLY A 126 6.34 -26.50 0.94
N PHE A 127 5.12 -26.33 0.43
CA PHE A 127 4.85 -26.60 -0.97
C PHE A 127 5.46 -25.58 -1.91
N MET A 128 5.91 -24.42 -1.38
CA MET A 128 6.78 -23.52 -2.09
C MET A 128 8.26 -23.76 -1.82
N LEU A 129 8.64 -23.93 -0.55
CA LEU A 129 10.05 -24.00 -0.19
C LEU A 129 10.75 -25.27 -0.60
N TRP A 130 10.06 -26.42 -0.51
CA TRP A 130 10.72 -27.65 -0.95
C TRP A 130 11.04 -27.72 -2.46
N PRO A 131 10.06 -27.39 -3.34
CA PRO A 131 10.38 -27.30 -4.79
C PRO A 131 11.44 -26.27 -5.11
N LEU A 132 11.40 -25.15 -4.42
CA LEU A 132 12.42 -24.13 -4.55
C LEU A 132 13.83 -24.66 -4.18
N PHE A 133 13.93 -25.32 -3.05
CA PHE A 133 15.19 -25.92 -2.64
C PHE A 133 15.74 -26.95 -3.61
N GLU A 134 14.84 -27.72 -4.25
CA GLU A 134 15.27 -28.68 -5.26
C GLU A 134 15.99 -28.00 -6.44
N ILE A 135 15.52 -26.83 -6.83
CA ILE A 135 16.07 -26.12 -7.99
C ILE A 135 17.08 -25.03 -7.63
N ALA A 136 17.09 -24.59 -6.38
CA ALA A 136 17.97 -23.51 -5.92
C ALA A 136 18.47 -23.72 -4.50
N PRO A 137 19.24 -24.78 -4.27
CA PRO A 137 19.59 -25.12 -2.88
C PRO A 137 20.42 -24.05 -2.17
N GLU A 138 21.16 -23.22 -2.92
CA GLU A 138 22.01 -22.17 -2.34
C GLU A 138 21.33 -20.82 -2.19
N LEU A 139 20.02 -20.78 -2.41
CA LEU A 139 19.30 -19.51 -2.39
C LEU A 139 19.33 -18.78 -1.06
N VAL A 140 19.55 -17.47 -1.16
CA VAL A 140 19.50 -16.57 -0.01
C VAL A 140 18.42 -15.55 -0.36
N PHE A 141 17.52 -15.30 0.56
CA PHE A 141 16.44 -14.35 0.36
C PHE A 141 16.98 -12.93 0.42
N PRO A 142 16.21 -11.97 -0.09
CA PRO A 142 16.66 -10.55 -0.04
C PRO A 142 17.03 -10.05 1.34
N ASP A 143 16.34 -10.52 2.37
CA ASP A 143 16.68 -10.10 3.73
C ASP A 143 17.85 -10.85 4.33
N GLY A 144 18.48 -11.73 3.57
CA GLY A 144 19.66 -12.49 4.09
C GLY A 144 19.39 -13.87 4.63
N GLU A 145 18.12 -14.23 4.79
CA GLU A 145 17.81 -15.55 5.31
C GLU A 145 18.16 -16.59 4.27
N MET A 146 18.72 -17.70 4.71
CA MET A 146 19.14 -18.76 3.80
C MET A 146 18.03 -19.79 3.72
N LEU A 147 17.71 -20.20 2.49
CA LEU A 147 16.69 -21.23 2.28
C LEU A 147 17.02 -22.50 3.04
N ARG A 148 18.28 -22.92 2.97
CA ARG A 148 18.69 -24.16 3.64
C ARG A 148 18.45 -24.07 5.15
N GLN A 149 18.66 -22.88 5.74
CA GLN A 149 18.57 -22.75 7.19
C GLN A 149 17.10 -22.79 7.64
N ILE A 150 16.23 -22.15 6.86
CA ILE A 150 14.80 -22.22 7.09
C ILE A 150 14.33 -23.67 7.09
N LEU A 151 14.72 -24.43 6.05
CA LEU A 151 14.28 -25.84 5.95
C LEU A 151 14.92 -26.76 6.98
N HIS A 152 16.10 -26.40 7.50
CA HIS A 152 16.73 -27.19 8.54
C HIS A 152 16.02 -26.98 9.89
N THR A 153 15.58 -25.73 10.13
CA THR A 153 15.12 -25.27 11.43
C THR A 153 13.63 -25.42 11.64
N ARG A 154 12.84 -25.03 10.67
CA ARG A 154 11.41 -25.03 10.77
C ARG A 154 10.75 -26.31 10.39
N ALA A 155 9.62 -26.59 11.02
CA ALA A 155 8.90 -27.82 10.80
C ALA A 155 7.98 -27.67 9.60
N PHE A 156 8.30 -28.42 8.55
CA PHE A 156 7.47 -28.58 7.39
C PHE A 156 7.39 -30.08 7.10
N ASP A 157 6.19 -30.57 6.81
CA ASP A 157 6.05 -31.93 6.21
C ASP A 157 6.86 -32.07 4.91
N LYS A 158 7.31 -33.28 4.62
CA LYS A 158 8.00 -33.50 3.38
C LYS A 158 6.88 -33.69 2.37
N LEU A 159 7.19 -33.47 1.11
CA LEU A 159 6.21 -33.59 0.04
C LEU A 159 6.37 -34.95 -0.62
N ASN A 160 5.28 -35.51 -1.11
CA ASN A 160 5.31 -36.66 -1.96
C ASN A 160 5.35 -36.20 -3.41
N LYS A 161 6.07 -36.92 -4.26
CA LYS A 161 6.07 -36.65 -5.68
C LYS A 161 4.72 -37.04 -6.27
N TRP A 162 4.33 -36.31 -7.33
CA TRP A 162 3.10 -36.54 -8.03
C TRP A 162 3.17 -37.87 -8.77
N SER B 2 -31.26 -28.44 22.01
CA SER B 2 -31.76 -28.51 23.43
C SER B 2 -30.69 -28.13 24.47
N ALA B 3 -29.79 -29.04 24.82
CA ALA B 3 -28.66 -28.75 25.72
C ALA B 3 -27.75 -27.66 25.15
N MET B 4 -27.00 -27.03 26.03
CA MET B 4 -26.09 -25.97 25.66
C MET B 4 -24.76 -26.59 25.17
N THR B 5 -24.15 -25.96 24.17
CA THR B 5 -22.83 -26.32 23.68
C THR B 5 -21.96 -25.11 23.90
N VAL B 6 -20.70 -25.30 24.26
CA VAL B 6 -19.77 -24.15 24.33
C VAL B 6 -19.07 -23.97 22.97
N ALA B 7 -19.29 -22.84 22.33
CA ALA B 7 -18.59 -22.48 21.14
C ALA B 7 -17.47 -21.49 21.46
N TYR B 8 -16.35 -21.60 20.74
CA TYR B 8 -15.27 -20.67 20.90
C TYR B 8 -15.15 -19.87 19.62
N ILE B 9 -15.19 -18.54 19.75
CA ILE B 9 -15.18 -17.61 18.65
C ILE B 9 -13.94 -16.72 18.74
N ALA B 10 -13.20 -16.62 17.64
CA ALA B 10 -12.05 -15.74 17.53
C ALA B 10 -12.56 -14.38 17.04
N ILE B 11 -12.00 -13.32 17.61
CA ILE B 11 -12.32 -11.95 17.26
C ILE B 11 -11.04 -11.30 16.75
N GLY B 12 -11.13 -10.61 15.61
CA GLY B 12 -10.05 -9.82 15.11
C GLY B 12 -10.54 -8.51 14.52
N SER B 13 -9.75 -7.46 14.72
CA SER B 13 -9.95 -6.22 14.02
C SER B 13 -8.59 -5.55 13.86
N ASN B 14 -8.28 -5.01 12.67
CA ASN B 14 -7.12 -4.17 12.56
C ASN B 14 -7.34 -2.84 11.95
N LEU B 15 -8.51 -2.32 12.19
CA LEU B 15 -8.62 -0.87 12.10
C LEU B 15 -7.50 -0.16 12.84
N ALA B 16 -7.11 1.01 12.35
CA ALA B 16 -6.05 1.76 13.05
C ALA B 16 -6.48 2.02 14.50
N SER B 17 -7.78 2.21 14.73
CA SER B 17 -8.34 2.28 16.10
C SER B 17 -9.50 1.27 16.28
N PRO B 18 -9.20 0.01 16.75
CA PRO B 18 -10.09 -1.16 16.71
C PRO B 18 -10.89 -1.45 17.99
N LEU B 19 -10.49 -0.81 19.07
CA LEU B 19 -11.00 -1.22 20.41
C LEU B 19 -12.53 -1.04 20.45
N GLU B 20 -13.03 0.00 19.78
CA GLU B 20 -14.48 0.22 19.64
C GLU B 20 -15.28 -0.78 18.78
N GLN B 21 -14.71 -1.24 17.67
CA GLN B 21 -15.25 -2.42 16.97
C GLN B 21 -15.36 -3.63 17.87
N VAL B 22 -14.28 -3.93 18.58
CA VAL B 22 -14.23 -5.18 19.35
C VAL B 22 -15.23 -5.11 20.49
N ASN B 23 -15.27 -3.97 21.18
CA ASN B 23 -16.19 -3.84 22.31
C ASN B 23 -17.64 -3.90 21.82
N ALA B 24 -17.94 -3.28 20.66
CA ALA B 24 -19.27 -3.38 20.05
C ALA B 24 -19.61 -4.83 19.67
N ALA B 25 -18.64 -5.57 19.18
CA ALA B 25 -18.85 -6.98 18.84
C ALA B 25 -19.18 -7.84 20.05
N LEU B 26 -18.48 -7.60 21.15
CA LEU B 26 -18.73 -8.34 22.40
C LEU B 26 -20.15 -8.10 22.93
N LYS B 27 -20.60 -6.84 22.89
N LYS B 27 -20.60 -6.85 22.89
CA LYS B 27 -21.97 -6.50 23.25
CA LYS B 27 -21.98 -6.52 23.26
C LYS B 27 -22.96 -7.26 22.37
C LYS B 27 -22.96 -7.26 22.37
N ALA B 28 -22.70 -7.26 21.07
CA ALA B 28 -23.59 -7.92 20.10
C ALA B 28 -23.60 -9.44 20.28
N LEU B 29 -22.41 -10.03 20.48
CA LEU B 29 -22.35 -11.48 20.75
C LEU B 29 -23.13 -11.90 22.00
N GLY B 30 -23.10 -11.04 23.01
CA GLY B 30 -23.83 -11.25 24.27
C GLY B 30 -25.33 -11.09 24.15
N ASP B 31 -25.81 -10.44 23.08
CA ASP B 31 -27.23 -10.30 22.78
C ASP B 31 -27.78 -11.37 21.82
N ILE B 32 -26.97 -12.33 21.41
CA ILE B 32 -27.42 -13.39 20.49
C ILE B 32 -28.46 -14.25 21.24
N PRO B 33 -29.62 -14.52 20.63
CA PRO B 33 -30.61 -15.35 21.34
C PRO B 33 -30.10 -16.75 21.69
N GLU B 34 -30.62 -17.29 22.78
CA GLU B 34 -30.30 -18.63 23.24
C GLU B 34 -28.80 -18.85 23.46
N SER B 35 -28.11 -17.77 23.80
CA SER B 35 -26.65 -17.78 23.93
C SER B 35 -26.23 -16.86 25.05
N HIS B 36 -25.03 -17.11 25.60
CA HIS B 36 -24.53 -16.29 26.69
C HIS B 36 -23.03 -16.38 26.70
N ILE B 37 -22.36 -15.25 26.90
CA ILE B 37 -20.86 -15.24 27.00
C ILE B 37 -20.43 -15.80 28.35
N LEU B 38 -19.60 -16.83 28.32
CA LEU B 38 -19.10 -17.39 29.52
C LEU B 38 -17.86 -16.69 29.90
N THR B 39 -16.97 -16.47 28.95
CA THR B 39 -15.71 -15.82 29.23
C THR B 39 -15.14 -15.08 28.04
N VAL B 40 -14.36 -14.04 28.28
CA VAL B 40 -13.63 -13.31 27.21
C VAL B 40 -12.16 -13.33 27.57
N SER B 41 -11.32 -13.58 26.58
CA SER B 41 -9.89 -13.51 26.80
C SER B 41 -9.46 -12.05 27.05
N SER B 42 -8.21 -11.88 27.45
CA SER B 42 -7.57 -10.57 27.33
C SER B 42 -7.50 -10.19 25.83
N PHE B 43 -7.26 -8.92 25.59
CA PHE B 43 -7.08 -8.42 24.22
C PHE B 43 -5.58 -8.47 23.92
N TYR B 44 -5.22 -8.98 22.76
CA TYR B 44 -3.81 -9.10 22.34
C TYR B 44 -3.51 -8.27 21.12
N ARG B 45 -2.34 -7.64 21.13
CA ARG B 45 -1.88 -6.88 19.96
C ARG B 45 -1.01 -7.79 19.16
N THR B 46 -1.41 -8.15 17.95
CA THR B 46 -0.63 -9.05 17.13
C THR B 46 -0.14 -8.46 15.81
N PRO B 47 1.11 -8.75 15.41
CA PRO B 47 1.52 -8.19 14.11
C PRO B 47 0.73 -8.80 12.95
N PRO B 48 0.41 -7.98 11.93
CA PRO B 48 -0.51 -8.41 10.88
C PRO B 48 0.15 -9.39 9.95
N LEU B 49 -0.55 -10.47 9.64
CA LEU B 49 -0.10 -11.43 8.65
C LEU B 49 -0.85 -11.12 7.32
N GLY B 50 -0.12 -11.01 6.21
CA GLY B 50 -0.67 -10.55 4.93
C GLY B 50 0.26 -9.62 4.20
N PRO B 51 0.06 -9.43 2.87
CA PRO B 51 1.06 -8.77 2.03
C PRO B 51 1.09 -7.25 2.17
N GLN B 52 0.01 -6.64 2.62
CA GLN B 52 -0.09 -5.20 2.56
C GLN B 52 0.31 -4.56 3.88
N ASP B 53 0.85 -3.34 3.81
CA ASP B 53 1.10 -2.52 5.00
C ASP B 53 -0.20 -2.25 5.73
N GLN B 54 -0.33 -2.74 6.95
CA GLN B 54 -1.56 -2.50 7.68
C GLN B 54 -1.30 -2.45 9.19
N PRO B 55 -2.30 -2.01 9.96
CA PRO B 55 -2.14 -1.97 11.42
C PRO B 55 -2.05 -3.33 12.04
N ASP B 56 -1.55 -3.33 13.27
CA ASP B 56 -1.63 -4.52 14.07
C ASP B 56 -3.07 -4.92 14.35
N TYR B 57 -3.28 -6.23 14.56
CA TYR B 57 -4.60 -6.72 14.92
C TYR B 57 -4.79 -6.65 16.42
N LEU B 58 -6.01 -6.39 16.82
CA LEU B 58 -6.48 -6.75 18.16
C LEU B 58 -7.15 -8.09 18.00
N ASN B 59 -6.60 -9.09 18.70
CA ASN B 59 -7.12 -10.45 18.66
C ASN B 59 -7.59 -10.86 20.03
N ALA B 60 -8.69 -11.61 20.05
CA ALA B 60 -9.25 -12.11 21.28
C ALA B 60 -10.09 -13.35 21.00
N ALA B 61 -10.55 -13.98 22.06
CA ALA B 61 -11.37 -15.19 21.97
C ALA B 61 -12.46 -15.11 23.01
N VAL B 62 -13.60 -15.71 22.68
CA VAL B 62 -14.78 -15.69 23.52
C VAL B 62 -15.33 -17.11 23.58
N ALA B 63 -15.75 -17.50 24.76
CA ALA B 63 -16.48 -18.74 25.01
C ALA B 63 -17.94 -18.33 25.09
N LEU B 64 -18.76 -18.93 24.23
CA LEU B 64 -20.19 -18.62 24.13
C LEU B 64 -20.95 -19.89 24.27
N GLU B 65 -21.68 -20.03 25.36
CA GLU B 65 -22.61 -21.12 25.52
C GLU B 65 -23.87 -20.85 24.70
N THR B 66 -24.37 -21.86 23.97
CA THR B 66 -25.50 -21.64 23.09
C THR B 66 -26.25 -22.93 22.85
N SER B 67 -27.57 -22.80 22.66
CA SER B 67 -28.37 -23.92 22.15
C SER B 67 -28.75 -23.74 20.68
N LEU B 68 -28.18 -22.74 20.01
CA LEU B 68 -28.35 -22.57 18.58
C LEU B 68 -27.64 -23.70 17.83
N ALA B 69 -28.18 -24.08 16.67
CA ALA B 69 -27.41 -24.91 15.74
C ALA B 69 -26.17 -24.13 15.20
N PRO B 70 -25.12 -24.87 14.78
CA PRO B 70 -23.86 -24.22 14.41
C PRO B 70 -24.05 -23.22 13.26
N GLU B 71 -24.82 -23.59 12.26
CA GLU B 71 -25.08 -22.63 11.17
C GLU B 71 -25.92 -21.42 11.57
N GLU B 72 -26.77 -21.58 12.59
CA GLU B 72 -27.55 -20.47 13.12
CA GLU B 72 -27.53 -20.45 13.11
C GLU B 72 -26.64 -19.50 13.84
N LEU B 73 -25.64 -20.04 14.59
CA LEU B 73 -24.66 -19.17 15.19
C LEU B 73 -23.86 -18.38 14.14
N LEU B 74 -23.47 -19.06 13.07
CA LEU B 74 -22.79 -18.43 11.94
C LEU B 74 -23.67 -17.29 11.38
N ASN B 75 -24.98 -17.54 11.29
CA ASN B 75 -25.87 -16.43 10.79
C ASN B 75 -25.71 -15.17 11.62
N HIS B 76 -25.65 -15.35 12.93
CA HIS B 76 -25.51 -14.22 13.82
C HIS B 76 -24.12 -13.56 13.77
N THR B 77 -23.06 -14.35 13.69
CA THR B 77 -21.72 -13.75 13.61
C THR B 77 -21.56 -12.97 12.30
N GLN B 78 -22.08 -13.53 11.21
CA GLN B 78 -22.11 -12.78 9.94
C GLN B 78 -22.92 -11.48 10.02
N ARG B 79 -24.09 -11.55 10.64
CA ARG B 79 -24.92 -10.39 10.76
C ARG B 79 -24.18 -9.30 11.56
N ILE B 80 -23.52 -9.69 12.65
CA ILE B 80 -22.78 -8.73 13.46
C ILE B 80 -21.65 -8.02 12.66
N GLU B 81 -20.86 -8.81 11.95
CA GLU B 81 -19.82 -8.29 11.09
C GLU B 81 -20.37 -7.26 10.11
N LEU B 82 -21.46 -7.62 9.40
CA LEU B 82 -22.09 -6.72 8.44
C LEU B 82 -22.72 -5.46 9.07
N GLN B 83 -23.41 -5.63 10.21
CA GLN B 83 -24.02 -4.50 10.88
C GLN B 83 -22.96 -3.51 11.46
N GLN B 84 -21.80 -4.00 11.78
CA GLN B 84 -20.68 -3.17 12.23
C GLN B 84 -19.88 -2.54 11.13
N GLY B 85 -20.32 -2.65 9.89
CA GLY B 85 -19.67 -2.02 8.74
C GLY B 85 -18.67 -2.81 7.93
N ARG B 86 -18.65 -4.13 8.10
CA ARG B 86 -17.72 -4.94 7.30
C ARG B 86 -18.15 -4.89 5.85
N VAL B 87 -17.22 -4.51 4.99
CA VAL B 87 -17.49 -4.35 3.55
C VAL B 87 -16.45 -5.15 2.80
N ARG B 88 -16.94 -6.00 1.90
CA ARG B 88 -16.08 -6.89 1.14
C ARG B 88 -15.40 -6.02 0.06
N PRO B 95 -7.28 -3.51 5.51
CA PRO B 95 -7.77 -3.71 6.87
C PRO B 95 -9.27 -3.87 7.02
N ARG B 96 -9.62 -4.92 7.72
CA ARG B 96 -11.01 -5.24 7.97
C ARG B 96 -11.54 -4.70 9.28
N THR B 97 -12.78 -4.26 9.32
CA THR B 97 -13.41 -3.76 10.52
C THR B 97 -13.54 -4.79 11.63
N LEU B 98 -14.05 -5.98 11.26
CA LEU B 98 -14.32 -6.97 12.26
C LEU B 98 -14.35 -8.35 11.61
N ASP B 99 -13.69 -9.31 12.26
CA ASP B 99 -13.74 -10.69 11.79
C ASP B 99 -14.10 -11.58 12.98
N LEU B 100 -15.12 -12.43 12.80
CA LEU B 100 -15.58 -13.36 13.83
C LEU B 100 -15.52 -14.75 13.21
N ASP B 101 -14.56 -15.55 13.67
CA ASP B 101 -14.40 -16.91 13.19
C ASP B 101 -14.88 -17.85 14.26
N ILE B 102 -15.69 -18.84 13.89
CA ILE B 102 -16.04 -19.89 14.80
C ILE B 102 -14.87 -20.88 14.82
N MET B 103 -14.17 -20.95 15.94
CA MET B 103 -13.07 -21.93 16.04
C MET B 103 -13.55 -23.36 16.31
N LEU B 104 -14.40 -23.50 17.32
CA LEU B 104 -14.85 -24.76 17.83
C LEU B 104 -16.30 -24.64 18.23
N PHE B 105 -17.04 -25.74 18.05
CA PHE B 105 -18.43 -25.81 18.47
C PHE B 105 -18.59 -27.11 19.22
N GLY B 106 -18.34 -27.05 20.51
CA GLY B 106 -18.24 -28.24 21.34
C GLY B 106 -17.28 -29.26 20.73
N ASN B 107 -17.74 -30.51 20.67
CA ASN B 107 -16.99 -31.60 20.07
C ASN B 107 -17.20 -31.76 18.58
N GLU B 108 -18.03 -30.91 17.97
CA GLU B 108 -18.50 -31.17 16.61
C GLU B 108 -17.44 -30.97 15.52
N VAL B 109 -17.49 -31.84 14.52
CA VAL B 109 -16.73 -31.67 13.30
C VAL B 109 -17.75 -31.39 12.18
N ILE B 110 -17.67 -30.20 11.57
CA ILE B 110 -18.61 -29.72 10.61
C ILE B 110 -17.86 -29.38 9.34
N ASN B 111 -18.35 -29.90 8.21
CA ASN B 111 -17.80 -29.61 6.89
C ASN B 111 -18.91 -29.41 5.91
N THR B 112 -19.46 -28.20 5.88
CA THR B 112 -20.53 -27.87 4.95
C THR B 112 -20.03 -26.76 4.04
N GLU B 113 -20.86 -26.40 3.06
CA GLU B 113 -20.53 -25.28 2.15
C GLU B 113 -20.21 -24.00 2.90
N ARG B 114 -20.99 -23.68 3.94
CA ARG B 114 -20.79 -22.42 4.67
C ARG B 114 -19.91 -22.50 5.89
N LEU B 115 -19.68 -23.70 6.41
CA LEU B 115 -19.09 -23.82 7.73
C LEU B 115 -18.15 -25.03 7.85
N THR B 116 -16.93 -24.73 8.22
CA THR B 116 -15.92 -25.71 8.53
C THR B 116 -15.45 -25.47 9.96
N VAL B 117 -15.67 -26.48 10.82
CA VAL B 117 -15.30 -26.45 12.23
C VAL B 117 -14.72 -27.82 12.57
N PRO B 118 -13.61 -27.93 13.32
CA PRO B 118 -12.77 -26.78 13.79
C PRO B 118 -12.26 -25.88 12.68
N HIS B 119 -11.99 -24.62 13.00
CA HIS B 119 -11.46 -23.71 12.00
C HIS B 119 -10.26 -24.36 11.32
N TYR B 120 -10.22 -24.34 10.00
CA TYR B 120 -9.25 -25.11 9.21
C TYR B 120 -7.79 -24.84 9.50
N ASP B 121 -7.47 -23.62 9.96
CA ASP B 121 -6.09 -23.21 10.21
C ASP B 121 -5.76 -22.87 11.65
N MET B 122 -6.68 -23.11 12.59
CA MET B 122 -6.46 -22.56 13.93
C MET B 122 -5.24 -23.16 14.63
N LYS B 123 -4.93 -24.43 14.36
CA LYS B 123 -3.78 -25.06 15.02
C LYS B 123 -2.44 -24.47 14.55
N ASN B 124 -2.46 -23.59 13.55
CA ASN B 124 -1.28 -22.94 13.05
C ASN B 124 -1.21 -21.48 13.42
N ARG B 125 -2.18 -21.00 14.20
CA ARG B 125 -2.30 -19.57 14.50
C ARG B 125 -2.16 -19.25 15.98
N GLY B 126 -1.01 -18.69 16.35
CA GLY B 126 -0.80 -18.27 17.74
C GLY B 126 -1.79 -17.25 18.25
N PHE B 127 -2.24 -16.37 17.35
CA PHE B 127 -3.23 -15.39 17.70
C PHE B 127 -4.63 -15.93 17.95
N MET B 128 -4.89 -17.19 17.55
CA MET B 128 -6.05 -17.90 17.97
C MET B 128 -5.80 -18.79 19.20
N LEU B 129 -4.69 -19.50 19.20
CA LEU B 129 -4.43 -20.50 20.24
C LEU B 129 -4.12 -19.90 21.60
N TRP B 130 -3.37 -18.80 21.64
CA TRP B 130 -3.04 -18.24 22.94
C TRP B 130 -4.23 -17.63 23.69
N PRO B 131 -5.07 -16.83 23.02
CA PRO B 131 -6.31 -16.39 23.68
C PRO B 131 -7.21 -17.53 24.09
N LEU B 132 -7.31 -18.54 23.24
CA LEU B 132 -8.08 -19.74 23.56
C LEU B 132 -7.56 -20.42 24.83
N PHE B 133 -6.25 -20.58 24.93
CA PHE B 133 -5.65 -21.20 26.09
C PHE B 133 -5.91 -20.39 27.38
N GLU B 134 -5.96 -19.06 27.26
CA GLU B 134 -6.24 -18.22 28.43
C GLU B 134 -7.64 -18.53 29.02
N ILE B 135 -8.60 -18.84 28.16
CA ILE B 135 -9.97 -19.06 28.57
C ILE B 135 -10.33 -20.53 28.71
N ALA B 136 -9.56 -21.41 28.07
CA ALA B 136 -9.86 -22.85 28.06
C ALA B 136 -8.60 -23.68 28.14
N PRO B 137 -7.85 -23.57 29.25
CA PRO B 137 -6.54 -24.23 29.27
C PRO B 137 -6.58 -25.77 29.17
N GLU B 138 -7.69 -26.40 29.52
CA GLU B 138 -7.82 -27.84 29.46
C GLU B 138 -8.41 -28.36 28.15
N LEU B 139 -8.57 -27.49 27.17
CA LEU B 139 -9.26 -27.87 25.94
C LEU B 139 -8.57 -29.01 25.19
N VAL B 140 -9.39 -29.94 24.75
CA VAL B 140 -8.97 -31.03 23.89
C VAL B 140 -9.77 -30.91 22.59
N PHE B 141 -9.10 -30.96 21.45
CA PHE B 141 -9.73 -30.85 20.15
C PHE B 141 -10.50 -32.13 19.83
N PRO B 142 -11.44 -32.06 18.89
CA PRO B 142 -12.17 -33.25 18.46
C PRO B 142 -11.32 -34.42 18.05
N ASP B 143 -10.13 -34.21 17.49
CA ASP B 143 -9.24 -35.32 17.16
C ASP B 143 -8.37 -35.80 18.32
N GLY B 144 -8.57 -35.27 19.52
CA GLY B 144 -7.79 -35.71 20.66
C GLY B 144 -6.55 -34.90 20.97
N GLU B 145 -6.15 -33.99 20.09
CA GLU B 145 -4.98 -33.16 20.37
C GLU B 145 -5.32 -32.20 21.52
N MET B 146 -4.38 -32.04 22.42
CA MET B 146 -4.56 -31.16 23.55
C MET B 146 -3.99 -29.80 23.23
N LEU B 147 -4.76 -28.78 23.57
CA LEU B 147 -4.30 -27.38 23.37
C LEU B 147 -2.99 -27.12 24.08
N ARG B 148 -2.85 -27.61 25.30
CA ARG B 148 -1.64 -27.39 26.03
C ARG B 148 -0.44 -28.00 25.35
N GLN B 149 -0.61 -29.18 24.72
CA GLN B 149 0.50 -29.90 24.12
C GLN B 149 0.95 -29.20 22.85
N ILE B 150 0.00 -28.69 22.09
CA ILE B 150 0.30 -27.92 20.88
C ILE B 150 1.13 -26.68 21.24
N LEU B 151 0.69 -25.95 22.27
CA LEU B 151 1.43 -24.76 22.68
C LEU B 151 2.78 -25.06 23.34
N HIS B 152 2.92 -26.23 23.96
CA HIS B 152 4.18 -26.61 24.56
C HIS B 152 5.21 -27.00 23.52
N THR B 153 4.76 -27.66 22.46
CA THR B 153 5.61 -28.32 21.45
C THR B 153 5.95 -27.43 20.27
N ARG B 154 4.94 -26.76 19.73
CA ARG B 154 5.12 -25.94 18.55
C ARG B 154 5.60 -24.52 18.80
N ALA B 155 6.33 -23.99 17.84
CA ALA B 155 6.88 -22.67 17.95
C ALA B 155 5.83 -21.65 17.52
N PHE B 156 5.39 -20.81 18.43
CA PHE B 156 4.63 -19.63 18.06
C PHE B 156 5.29 -18.45 18.77
N ASP B 157 5.36 -17.30 18.12
CA ASP B 157 5.80 -16.11 18.86
C ASP B 157 4.80 -15.89 19.98
N LYS B 158 5.23 -15.53 21.19
CA LYS B 158 4.16 -15.26 22.14
C LYS B 158 3.63 -13.83 22.00
N LEU B 159 2.50 -13.55 22.63
CA LEU B 159 1.74 -12.35 22.36
C LEU B 159 1.72 -11.29 23.38
N ASN B 160 1.71 -10.05 22.92
CA ASN B 160 1.65 -8.95 23.83
C ASN B 160 0.19 -8.58 24.05
N LYS B 161 -0.12 -8.13 25.25
CA LYS B 161 -1.45 -7.60 25.53
C LYS B 161 -1.61 -6.27 24.84
N TRP B 162 -2.85 -5.97 24.46
CA TRP B 162 -3.17 -4.72 23.81
C TRP B 162 -3.01 -3.57 24.78
N ALA C 3 -23.00 7.09 15.24
CA ALA C 3 -21.82 7.40 16.04
C ALA C 3 -20.96 8.51 15.43
N MET C 4 -20.23 9.18 16.30
CA MET C 4 -19.37 10.27 15.92
C MET C 4 -18.04 9.68 15.42
N THR C 5 -17.45 10.33 14.45
CA THR C 5 -16.11 10.02 13.97
C THR C 5 -15.26 11.26 14.26
N VAL C 6 -13.98 11.08 14.62
CA VAL C 6 -13.08 12.22 14.74
C VAL C 6 -12.37 12.43 13.39
N ALA C 7 -12.62 13.58 12.77
CA ALA C 7 -11.89 13.98 11.59
C ALA C 7 -10.79 14.96 11.98
N TYR C 8 -9.68 14.90 11.26
CA TYR C 8 -8.63 15.89 11.44
C TYR C 8 -8.54 16.71 10.17
N ILE C 9 -8.57 18.03 10.36
CA ILE C 9 -8.57 18.98 9.28
C ILE C 9 -7.36 19.88 9.37
N ALA C 10 -6.60 20.00 8.29
CA ALA C 10 -5.51 20.94 8.19
C ALA C 10 -6.06 22.27 7.74
N ILE C 11 -5.51 23.33 8.31
CA ILE C 11 -5.86 24.69 7.99
C ILE C 11 -4.61 25.39 7.45
N GLY C 12 -4.75 26.10 6.35
CA GLY C 12 -3.70 26.97 5.86
C GLY C 12 -4.25 28.30 5.38
N SER C 13 -3.54 29.36 5.62
CA SER C 13 -3.82 30.63 4.97
C SER C 13 -2.52 31.42 4.75
N ASN C 14 -2.37 32.08 3.58
CA ASN C 14 -1.26 33.00 3.36
C ASN C 14 -1.65 34.35 2.73
N LEU C 15 -2.94 34.69 2.80
CA LEU C 15 -3.57 35.91 2.20
C LEU C 15 -4.63 36.54 3.09
N ALA C 16 -4.78 37.85 2.96
CA ALA C 16 -5.91 38.59 3.57
C ALA C 16 -5.97 38.40 5.12
N SER C 17 -4.80 38.55 5.74
CA SER C 17 -4.55 38.52 7.17
C SER C 17 -4.79 37.13 7.71
N PRO C 18 -3.82 36.24 7.53
CA PRO C 18 -3.99 34.85 7.91
C PRO C 18 -4.58 34.65 9.27
N LEU C 19 -4.21 35.42 10.27
CA LEU C 19 -4.80 35.22 11.60
C LEU C 19 -6.33 35.40 11.69
N GLU C 20 -6.85 36.43 11.06
CA GLU C 20 -8.31 36.63 10.99
C GLU C 20 -9.01 35.56 10.15
N GLN C 21 -8.41 35.16 9.05
CA GLN C 21 -9.00 34.07 8.22
C GLN C 21 -9.12 32.81 9.01
N VAL C 22 -8.04 32.47 9.70
CA VAL C 22 -7.98 31.24 10.42
C VAL C 22 -8.94 31.26 11.61
N ASN C 23 -9.00 32.37 12.35
CA ASN C 23 -9.99 32.49 13.42
C ASN C 23 -11.44 32.44 12.92
N ALA C 24 -11.72 33.09 11.79
CA ALA C 24 -13.04 32.99 11.16
C ALA C 24 -13.36 31.55 10.74
N ALA C 25 -12.38 30.84 10.22
CA ALA C 25 -12.58 29.45 9.76
C ALA C 25 -12.90 28.56 10.95
N LEU C 26 -12.25 28.80 12.09
CA LEU C 26 -12.49 27.99 13.28
C LEU C 26 -13.91 28.20 13.79
N LYS C 27 -14.39 29.43 13.77
CA LYS C 27 -15.78 29.72 14.11
C LYS C 27 -16.73 28.99 13.17
N ALA C 28 -16.47 29.07 11.88
CA ALA C 28 -17.33 28.42 10.86
C ALA C 28 -17.30 26.90 11.00
N LEU C 29 -16.10 26.33 11.23
CA LEU C 29 -16.03 24.88 11.45
C LEU C 29 -16.87 24.42 12.64
N GLY C 30 -16.86 25.22 13.68
CA GLY C 30 -17.59 24.95 14.89
C GLY C 30 -19.08 25.06 14.74
N ASP C 31 -19.55 25.73 13.69
CA ASP C 31 -20.97 25.87 13.35
C ASP C 31 -21.47 24.83 12.33
N ILE C 32 -20.62 23.92 11.89
CA ILE C 32 -21.05 22.87 10.97
C ILE C 32 -22.04 21.94 11.68
N PRO C 33 -23.17 21.63 11.04
CA PRO C 33 -24.15 20.79 11.73
C PRO C 33 -23.59 19.39 12.07
N GLU C 34 -24.09 18.82 13.15
CA GLU C 34 -23.74 17.47 13.59
C GLU C 34 -22.24 17.31 13.83
N SER C 35 -21.56 18.42 14.19
CA SER C 35 -20.11 18.45 14.31
C SER C 35 -19.69 19.38 15.45
N HIS C 36 -18.52 19.12 16.02
CA HIS C 36 -18.06 19.90 17.15
C HIS C 36 -16.54 19.84 17.19
N ILE C 37 -15.90 21.00 17.43
CA ILE C 37 -14.43 21.03 17.54
C ILE C 37 -13.98 20.48 18.89
N LEU C 38 -13.09 19.49 18.86
CA LEU C 38 -12.55 18.90 20.07
C LEU C 38 -11.33 19.65 20.51
N THR C 39 -10.48 19.98 19.56
CA THR C 39 -9.27 20.68 19.87
C THR C 39 -8.60 21.32 18.66
N VAL C 40 -7.84 22.34 18.94
CA VAL C 40 -7.15 23.10 17.92
C VAL C 40 -5.67 23.14 18.27
N SER C 41 -4.81 22.96 17.26
CA SER C 41 -3.39 23.10 17.46
C SER C 41 -3.01 24.54 17.68
N SER C 42 -1.75 24.75 18.09
CA SER C 42 -1.15 26.09 17.97
C SER C 42 -1.11 26.51 16.53
N PHE C 43 -0.92 27.80 16.32
CA PHE C 43 -0.73 28.33 14.97
C PHE C 43 0.74 28.44 14.63
N TYR C 44 1.14 28.00 13.43
CA TYR C 44 2.54 28.00 12.99
C TYR C 44 2.78 28.85 11.76
N ARG C 45 3.89 29.61 11.76
CA ARG C 45 4.30 30.39 10.55
C ARG C 45 5.25 29.53 9.75
N THR C 46 4.84 29.15 8.54
CA THR C 46 5.66 28.26 7.73
C THR C 46 6.06 28.90 6.40
N PRO C 47 7.30 28.69 5.95
CA PRO C 47 7.66 29.27 4.66
C PRO C 47 6.90 28.58 3.55
N PRO C 48 6.48 29.32 2.53
CA PRO C 48 5.62 28.75 1.54
C PRO C 48 6.34 27.76 0.66
N LEU C 49 5.71 26.61 0.41
CA LEU C 49 6.27 25.62 -0.53
C LEU C 49 5.52 25.70 -1.86
N GLY C 50 6.26 25.73 -2.97
CA GLY C 50 5.68 25.99 -4.28
C GLY C 50 6.58 26.79 -5.15
N PRO C 51 6.34 26.77 -6.47
CA PRO C 51 7.20 27.45 -7.41
C PRO C 51 7.12 29.00 -7.42
N GLN C 52 6.01 29.56 -6.97
CA GLN C 52 5.77 30.97 -7.12
C GLN C 52 6.01 31.76 -5.82
N ASP C 53 6.52 32.97 -5.99
CA ASP C 53 6.71 33.90 -4.89
C ASP C 53 5.36 34.17 -4.18
N GLN C 54 5.26 33.85 -2.90
CA GLN C 54 4.05 34.17 -2.13
C GLN C 54 4.35 34.39 -0.64
N PRO C 55 3.38 34.92 0.11
CA PRO C 55 3.61 35.12 1.57
C PRO C 55 3.77 33.84 2.35
N ASP C 56 4.33 33.95 3.57
CA ASP C 56 4.32 32.79 4.51
C ASP C 56 2.93 32.34 4.86
N TYR C 57 2.79 31.04 5.15
CA TYR C 57 1.53 30.46 5.61
C TYR C 57 1.39 30.52 7.11
N LEU C 58 0.14 30.66 7.55
CA LEU C 58 -0.28 30.21 8.89
C LEU C 58 -0.85 28.82 8.72
N ASN C 59 -0.23 27.84 9.36
CA ASN C 59 -0.73 26.46 9.36
C ASN C 59 -1.15 25.97 10.73
N ALA C 60 -2.22 25.17 10.75
CA ALA C 60 -2.76 24.63 11.98
C ALA C 60 -3.55 23.34 11.66
N ALA C 61 -4.01 22.70 12.72
CA ALA C 61 -4.83 21.49 12.59
C ALA C 61 -5.94 21.57 13.60
N VAL C 62 -7.08 20.96 13.26
CA VAL C 62 -8.26 20.88 14.14
C VAL C 62 -8.77 19.43 14.16
N ALA C 63 -9.20 19.01 15.34
CA ALA C 63 -9.91 17.75 15.53
C ALA C 63 -11.39 18.10 15.61
N LEU C 64 -12.17 17.51 14.72
CA LEU C 64 -13.62 17.78 14.63
C LEU C 64 -14.35 16.45 14.75
N GLU C 65 -15.08 16.25 15.81
CA GLU C 65 -16.01 15.12 15.89
C GLU C 65 -17.24 15.41 15.06
N THR C 66 -17.70 14.42 14.32
CA THR C 66 -18.82 14.62 13.43
C THR C 66 -19.55 13.33 13.12
N SER C 67 -20.85 13.43 12.91
CA SER C 67 -21.62 12.29 12.37
C SER C 67 -22.00 12.50 10.91
N LEU C 68 -21.44 13.51 10.27
CA LEU C 68 -21.62 13.71 8.82
C LEU C 68 -20.87 12.65 8.05
N ALA C 69 -21.40 12.30 6.88
CA ALA C 69 -20.60 11.50 5.92
C ALA C 69 -19.39 12.33 5.45
N PRO C 70 -18.30 11.65 5.05
CA PRO C 70 -17.07 12.34 4.70
C PRO C 70 -17.30 13.38 3.57
N GLU C 71 -18.04 13.01 2.55
CA GLU C 71 -18.27 13.96 1.44
C GLU C 71 -19.15 15.16 1.86
N GLU C 72 -20.03 14.95 2.84
CA GLU C 72 -20.82 16.03 3.41
C GLU C 72 -19.98 16.98 4.22
N LEU C 73 -18.99 16.46 4.96
CA LEU C 73 -18.03 17.33 5.60
C LEU C 73 -17.24 18.16 4.55
N LEU C 74 -16.86 17.52 3.46
CA LEU C 74 -16.14 18.20 2.38
C LEU C 74 -17.02 19.31 1.81
N ASN C 75 -18.32 19.06 1.68
CA ASN C 75 -19.22 20.14 1.20
C ASN C 75 -19.10 21.39 2.09
N HIS C 76 -19.08 21.18 3.40
CA HIS C 76 -18.99 22.30 4.34
C HIS C 76 -17.64 22.99 4.30
N THR C 77 -16.57 22.22 4.21
CA THR C 77 -15.24 22.84 4.20
C THR C 77 -15.05 23.67 2.90
N GLN C 78 -15.51 23.15 1.77
CA GLN C 78 -15.53 23.93 0.52
C GLN C 78 -16.37 25.18 0.59
N ARG C 79 -17.54 25.09 1.19
CA ARG C 79 -18.40 26.27 1.38
C ARG C 79 -17.69 27.33 2.23
N ILE C 80 -17.08 26.90 3.31
CA ILE C 80 -16.36 27.87 4.20
C ILE C 80 -15.23 28.60 3.45
N GLU C 81 -14.42 27.83 2.73
CA GLU C 81 -13.34 28.41 1.89
C GLU C 81 -13.87 29.46 0.91
N LEU C 82 -14.93 29.12 0.16
CA LEU C 82 -15.57 30.06 -0.73
C LEU C 82 -16.18 31.26 -0.02
N GLN C 83 -16.82 31.05 1.13
CA GLN C 83 -17.49 32.13 1.83
C GLN C 83 -16.48 33.11 2.46
N GLN C 84 -15.27 32.62 2.72
CA GLN C 84 -14.16 33.45 3.21
C GLN C 84 -13.25 33.95 2.04
N GLY C 85 -13.81 33.99 0.84
CA GLY C 85 -13.21 34.70 -0.26
C GLY C 85 -12.14 33.97 -1.05
N ARG C 86 -12.09 32.66 -0.91
CA ARG C 86 -11.21 31.88 -1.74
C ARG C 86 -11.59 31.94 -3.23
N VAL C 87 -10.61 32.35 -4.05
CA VAL C 87 -10.84 32.56 -5.50
C VAL C 87 -9.78 31.79 -6.27
N ARG C 88 -10.22 30.98 -7.21
CA ARG C 88 -9.35 30.10 -7.98
C ARG C 88 -8.74 30.94 -9.09
N LYS C 89 -7.44 30.86 -9.24
CA LYS C 89 -6.80 31.38 -10.45
C LYS C 89 -6.30 30.17 -11.26
N ALA C 90 -5.97 30.40 -12.53
CA ALA C 90 -5.64 29.30 -13.46
C ALA C 90 -4.30 28.62 -13.09
N PRO C 95 -1.39 31.31 -3.86
CA PRO C 95 -1.81 31.78 -2.54
C PRO C 95 -3.29 31.70 -2.35
N ARG C 96 -3.72 31.56 -1.11
CA ARG C 96 -5.13 31.54 -0.83
C ARG C 96 -5.52 32.06 0.54
N THR C 97 -6.70 32.59 0.55
CA THR C 97 -7.28 33.12 1.76
C THR C 97 -7.46 32.04 2.80
N LEU C 98 -7.93 30.86 2.38
CA LEU C 98 -8.12 29.77 3.28
C LEU C 98 -8.10 28.41 2.55
N ASP C 99 -7.44 27.45 3.16
CA ASP C 99 -7.37 26.12 2.64
C ASP C 99 -7.68 25.15 3.77
N LEU C 100 -8.68 24.28 3.55
CA LEU C 100 -9.12 23.32 4.55
C LEU C 100 -9.02 21.94 3.91
N ASP C 101 -8.04 21.17 4.36
CA ASP C 101 -7.80 19.85 3.83
C ASP C 101 -8.29 18.87 4.86
N ILE C 102 -9.03 17.86 4.43
CA ILE C 102 -9.36 16.77 5.31
C ILE C 102 -8.21 15.80 5.36
N MET C 103 -7.50 15.72 6.48
CA MET C 103 -6.36 14.83 6.57
C MET C 103 -6.78 13.38 6.80
N LEU C 104 -7.67 13.18 7.78
CA LEU C 104 -8.07 11.89 8.27
C LEU C 104 -9.53 11.93 8.70
N PHE C 105 -10.21 10.83 8.46
CA PHE C 105 -11.61 10.71 8.83
C PHE C 105 -11.76 9.39 9.53
N GLY C 106 -11.48 9.41 10.81
CA GLY C 106 -11.41 8.19 11.62
C GLY C 106 -10.46 7.17 11.03
N ASN C 107 -10.95 5.92 10.91
CA ASN C 107 -10.17 4.83 10.33
C ASN C 107 -10.36 4.72 8.81
N GLU C 108 -11.19 5.60 8.22
CA GLU C 108 -11.59 5.43 6.83
C GLU C 108 -10.52 5.69 5.77
N VAL C 109 -10.54 4.87 4.73
CA VAL C 109 -9.72 5.11 3.52
C VAL C 109 -10.71 5.37 2.39
N ILE C 110 -10.66 6.59 1.85
CA ILE C 110 -11.59 7.06 0.85
C ILE C 110 -10.78 7.44 -0.41
N ASN C 111 -11.21 6.91 -1.55
CA ASN C 111 -10.64 7.26 -2.84
C ASN C 111 -11.74 7.46 -3.85
N THR C 112 -12.30 8.66 -3.89
CA THR C 112 -13.34 9.00 -4.83
C THR C 112 -12.86 10.16 -5.68
N GLU C 113 -13.65 10.53 -6.68
CA GLU C 113 -13.34 11.68 -7.52
C GLU C 113 -13.07 12.93 -6.70
N ARG C 114 -13.90 13.22 -5.71
CA ARG C 114 -13.80 14.46 -4.99
C ARG C 114 -12.90 14.37 -3.77
N LEU C 115 -12.68 13.16 -3.28
CA LEU C 115 -12.11 13.01 -1.95
C LEU C 115 -11.15 11.87 -1.85
N THR C 116 -9.93 12.19 -1.40
CA THR C 116 -8.92 11.19 -1.08
C THR C 116 -8.50 11.41 0.38
N VAL C 117 -8.70 10.37 1.20
CA VAL C 117 -8.39 10.36 2.62
C VAL C 117 -7.78 9.00 2.94
N PRO C 118 -6.66 8.94 3.68
CA PRO C 118 -5.89 10.08 4.16
C PRO C 118 -5.40 11.04 3.08
N HIS C 119 -5.22 12.30 3.45
CA HIS C 119 -4.65 13.27 2.52
C HIS C 119 -3.38 12.69 1.86
N TYR C 120 -3.34 12.73 0.54
CA TYR C 120 -2.32 11.99 -0.25
C TYR C 120 -0.88 12.28 0.11
N ASP C 121 -0.61 13.48 0.60
CA ASP C 121 0.79 13.95 0.86
C ASP C 121 1.11 14.26 2.28
N MET C 122 0.18 14.00 3.20
CA MET C 122 0.33 14.52 4.57
C MET C 122 1.53 13.92 5.29
N LYS C 123 1.90 12.68 4.96
CA LYS C 123 3.11 12.08 5.59
C LYS C 123 4.42 12.70 5.17
N ASN C 124 4.37 13.61 4.19
CA ASN C 124 5.55 14.29 3.71
C ASN C 124 5.61 15.75 4.11
N ARG C 125 4.65 16.20 4.91
CA ARG C 125 4.49 17.62 5.22
C ARG C 125 4.60 17.87 6.72
N GLY C 126 5.71 18.46 7.12
CA GLY C 126 5.88 18.86 8.53
C GLY C 126 4.83 19.83 9.01
N PHE C 127 4.38 20.71 8.12
CA PHE C 127 3.31 21.65 8.45
C PHE C 127 1.93 21.04 8.68
N MET C 128 1.72 19.80 8.24
CA MET C 128 0.57 19.04 8.66
C MET C 128 0.87 18.15 9.88
N LEU C 129 2.01 17.47 9.87
CA LEU C 129 2.27 16.43 10.89
C LEU C 129 2.56 17.00 12.27
N TRP C 130 3.29 18.12 12.33
CA TRP C 130 3.59 18.69 13.65
C TRP C 130 2.33 19.20 14.36
N PRO C 131 1.49 20.01 13.70
CA PRO C 131 0.23 20.41 14.34
C PRO C 131 -0.68 19.22 14.71
N LEU C 132 -0.73 18.22 13.86
CA LEU C 132 -1.46 17.01 14.15
C LEU C 132 -0.95 16.30 15.42
N PHE C 133 0.36 16.16 15.51
CA PHE C 133 0.95 15.53 16.69
C PHE C 133 0.64 16.29 17.98
N GLU C 134 0.59 17.62 17.89
CA GLU C 134 0.27 18.43 19.04
C GLU C 134 -1.12 18.09 19.59
N ILE C 135 -2.07 17.79 18.73
CA ILE C 135 -3.43 17.49 19.14
C ILE C 135 -3.77 16.02 19.22
N ALA C 136 -2.98 15.16 18.62
CA ALA C 136 -3.23 13.71 18.54
C ALA C 136 -1.95 12.91 18.60
N PRO C 137 -1.21 13.03 19.69
CA PRO C 137 0.09 12.37 19.73
C PRO C 137 0.08 10.82 19.59
N GLU C 138 -1.04 10.17 19.88
CA GLU C 138 -1.13 8.71 19.78
C GLU C 138 -1.66 8.20 18.44
N LEU C 139 -1.80 9.08 17.48
CA LEU C 139 -2.46 8.73 16.24
C LEU C 139 -1.74 7.63 15.47
N VAL C 140 -2.53 6.67 14.98
CA VAL C 140 -2.05 5.65 14.08
C VAL C 140 -2.83 5.82 12.77
N PHE C 141 -2.15 5.79 11.65
CA PHE C 141 -2.76 5.95 10.35
C PHE C 141 -3.46 4.64 9.96
N PRO C 142 -4.38 4.72 8.99
CA PRO C 142 -5.09 3.54 8.54
C PRO C 142 -4.20 2.42 8.05
N ASP C 143 -3.00 2.71 7.52
CA ASP C 143 -2.07 1.68 7.13
C ASP C 143 -1.17 1.18 8.27
N GLY C 144 -1.38 1.64 9.49
CA GLY C 144 -0.64 1.13 10.65
C GLY C 144 0.57 1.97 11.02
N GLU C 145 0.95 2.92 10.18
CA GLU C 145 2.09 3.82 10.54
C GLU C 145 1.71 4.71 11.73
N MET C 146 2.66 4.87 12.67
CA MET C 146 2.39 5.66 13.85
C MET C 146 2.90 7.04 13.60
N LEU C 147 2.08 8.03 13.93
CA LEU C 147 2.50 9.41 13.79
C LEU C 147 3.82 9.69 14.53
N ARG C 148 3.93 9.18 15.77
CA ARG C 148 5.10 9.43 16.55
C ARG C 148 6.36 8.87 15.86
N GLN C 149 6.24 7.71 15.22
CA GLN C 149 7.37 7.02 14.62
C GLN C 149 7.84 7.78 13.38
N ILE C 150 6.89 8.28 12.59
CA ILE C 150 7.19 9.11 11.44
C ILE C 150 7.99 10.33 11.89
N LEU C 151 7.51 11.03 12.90
CA LEU C 151 8.23 12.24 13.36
C LEU C 151 9.57 11.94 14.05
N HIS C 152 9.72 10.75 14.62
CA HIS C 152 10.96 10.39 15.29
C HIS C 152 12.05 10.06 14.26
N THR C 153 11.61 9.44 13.15
CA THR C 153 12.47 8.85 12.15
C THR C 153 12.83 9.77 11.01
N ARG C 154 11.84 10.41 10.48
CA ARG C 154 12.05 11.24 9.34
C ARG C 154 12.46 12.67 9.64
N ALA C 155 13.22 13.25 8.71
CA ALA C 155 13.69 14.60 8.85
C ALA C 155 12.60 15.57 8.41
N PHE C 156 12.12 16.35 9.39
CA PHE C 156 11.29 17.52 9.15
C PHE C 156 11.88 18.64 10.00
N ASP C 157 11.99 19.83 9.42
CA ASP C 157 12.19 21.06 10.21
C ASP C 157 11.11 21.24 11.32
N LYS C 158 11.52 21.78 12.47
CA LYS C 158 10.58 22.26 13.49
C LYS C 158 9.89 23.49 12.94
N LEU C 159 8.68 23.73 13.43
CA LEU C 159 7.89 24.87 12.98
C LEU C 159 8.04 25.97 13.99
N ASN C 160 8.04 27.20 13.53
CA ASN C 160 7.98 28.35 14.42
C ASN C 160 6.48 28.66 14.64
N LYS C 161 6.15 29.09 15.85
CA LYS C 161 4.81 29.56 16.14
C LYS C 161 4.59 30.90 15.45
N TRP C 162 3.35 31.13 15.08
CA TRP C 162 2.93 32.37 14.44
C TRP C 162 3.06 33.53 15.42
N ALA D 3 27.61 29.48 -27.12
CA ALA D 3 28.03 28.17 -26.61
C ALA D 3 26.85 27.29 -26.21
N MET D 4 27.10 25.98 -26.19
CA MET D 4 26.09 25.00 -25.88
C MET D 4 25.99 24.93 -24.36
N THR D 5 24.77 24.73 -23.88
CA THR D 5 24.49 24.49 -22.48
C THR D 5 23.88 23.11 -22.42
N VAL D 6 24.17 22.35 -21.38
CA VAL D 6 23.48 21.08 -21.21
C VAL D 6 22.24 21.32 -20.32
N ALA D 7 21.07 21.03 -20.86
CA ALA D 7 19.84 21.07 -20.10
C ALA D 7 19.43 19.64 -19.74
N TYR D 8 18.90 19.48 -18.53
CA TYR D 8 18.42 18.19 -18.10
C TYR D 8 16.91 18.27 -17.94
N ILE D 9 16.23 17.36 -18.65
CA ILE D 9 14.79 17.39 -18.78
C ILE D 9 14.25 16.11 -18.19
N ALA D 10 13.28 16.25 -17.29
CA ALA D 10 12.58 15.12 -16.75
C ALA D 10 11.39 14.81 -17.70
N ILE D 11 11.15 13.51 -17.86
CA ILE D 11 10.06 13.01 -18.70
C ILE D 11 9.14 12.19 -17.81
N GLY D 12 7.84 12.43 -17.91
CA GLY D 12 6.84 11.62 -17.27
C GLY D 12 5.64 11.37 -18.17
N SER D 13 5.08 10.19 -18.11
CA SER D 13 3.82 9.89 -18.74
C SER D 13 3.09 8.80 -17.98
N ASN D 14 1.77 8.95 -17.80
CA ASN D 14 0.96 7.89 -17.19
C ASN D 14 -0.39 7.63 -17.93
N LEU D 15 -0.47 8.05 -19.19
CA LEU D 15 -1.64 7.89 -20.08
C LEU D 15 -1.28 7.56 -21.49
N ALA D 16 -2.23 6.90 -22.18
CA ALA D 16 -2.17 6.72 -23.64
C ALA D 16 -0.86 6.03 -24.09
N SER D 17 -0.53 4.95 -23.38
CA SER D 17 0.59 4.07 -23.66
C SER D 17 1.88 4.85 -23.36
N PRO D 18 2.25 4.94 -22.11
CA PRO D 18 3.44 5.72 -21.75
C PRO D 18 4.68 5.40 -22.54
N LEU D 19 4.92 4.15 -22.87
CA LEU D 19 6.13 3.86 -23.65
C LEU D 19 6.17 4.53 -25.04
N GLU D 20 5.06 4.50 -25.77
CA GLU D 20 4.97 5.16 -27.05
C GLU D 20 5.06 6.70 -26.89
N GLN D 21 4.46 7.24 -25.84
CA GLN D 21 4.51 8.70 -25.60
C GLN D 21 5.91 9.15 -25.34
N VAL D 22 6.63 8.35 -24.55
CA VAL D 22 7.98 8.66 -24.17
C VAL D 22 8.96 8.49 -25.33
N ASN D 23 8.82 7.42 -26.11
CA ASN D 23 9.59 7.29 -27.34
C ASN D 23 9.31 8.40 -28.37
N ALA D 24 8.04 8.76 -28.56
CA ALA D 24 7.69 9.88 -29.43
C ALA D 24 8.30 11.21 -28.94
N ALA D 25 8.29 11.44 -27.63
CA ALA D 25 8.84 12.65 -27.04
C ALA D 25 10.34 12.72 -27.29
N LEU D 26 11.02 11.61 -27.17
CA LEU D 26 12.45 11.56 -27.40
C LEU D 26 12.81 11.89 -28.85
N LYS D 27 12.07 11.36 -29.81
CA LYS D 27 12.21 11.73 -31.21
C LYS D 27 11.99 13.22 -31.42
N ALA D 28 10.92 13.76 -30.83
CA ALA D 28 10.64 15.18 -30.94
C ALA D 28 11.73 16.04 -30.29
N LEU D 29 12.20 15.65 -29.12
CA LEU D 29 13.26 16.41 -28.43
C LEU D 29 14.52 16.49 -29.28
N GLY D 30 14.83 15.38 -29.95
CA GLY D 30 16.00 15.27 -30.80
C GLY D 30 15.89 16.06 -32.07
N ASP D 31 14.68 16.46 -32.47
CA ASP D 31 14.44 17.33 -33.63
C ASP D 31 14.37 18.82 -33.28
N ILE D 32 14.56 19.19 -32.02
CA ILE D 32 14.50 20.60 -31.65
C ILE D 32 15.70 21.31 -32.31
N PRO D 33 15.47 22.47 -32.91
CA PRO D 33 16.61 23.17 -33.53
C PRO D 33 17.72 23.56 -32.51
N GLU D 34 18.94 23.62 -32.99
CA GLU D 34 20.10 24.05 -32.21
C GLU D 34 20.29 23.21 -30.96
N SER D 35 19.83 21.96 -30.99
CA SER D 35 19.83 21.07 -29.84
C SER D 35 20.15 19.64 -30.24
N HIS D 36 20.69 18.85 -29.30
CA HIS D 36 21.04 17.47 -29.58
C HIS D 36 21.00 16.68 -28.29
N ILE D 37 20.45 15.46 -28.35
CA ILE D 37 20.37 14.59 -27.16
C ILE D 37 21.72 13.98 -26.93
N LEU D 38 22.26 14.18 -25.74
CA LEU D 38 23.53 13.56 -25.36
C LEU D 38 23.30 12.18 -24.76
N THR D 39 22.37 12.05 -23.82
CA THR D 39 22.11 10.80 -23.09
C THR D 39 20.67 10.68 -22.62
N VAL D 40 20.15 9.46 -22.59
CA VAL D 40 18.80 9.19 -22.08
C VAL D 40 18.94 8.16 -20.96
N SER D 41 18.23 8.38 -19.87
CA SER D 41 18.23 7.43 -18.77
C SER D 41 17.46 6.17 -19.16
N SER D 42 17.53 5.15 -18.32
CA SER D 42 16.58 4.02 -18.36
C SER D 42 15.20 4.56 -18.09
N PHE D 43 14.21 3.73 -18.44
CA PHE D 43 12.81 4.02 -18.14
C PHE D 43 12.35 3.34 -16.87
N TYR D 44 11.69 4.09 -15.98
CA TYR D 44 11.29 3.62 -14.64
C TYR D 44 9.79 3.63 -14.48
N ARG D 45 9.25 2.60 -13.85
CA ARG D 45 7.79 2.53 -13.51
C ARG D 45 7.62 3.00 -12.09
N THR D 46 7.01 4.16 -11.90
CA THR D 46 6.90 4.72 -10.56
C THR D 46 5.41 4.77 -10.15
N PRO D 47 5.11 4.39 -8.89
CA PRO D 47 3.75 4.58 -8.45
C PRO D 47 3.37 6.06 -8.46
N PRO D 48 2.12 6.35 -8.84
CA PRO D 48 1.71 7.74 -9.01
C PRO D 48 1.60 8.45 -7.68
N LEU D 49 2.14 9.64 -7.62
CA LEU D 49 2.00 10.49 -6.46
C LEU D 49 0.93 11.54 -6.81
N GLY D 50 -0.02 11.71 -5.93
CA GLY D 50 -1.14 12.61 -6.15
C GLY D 50 -2.42 12.00 -5.63
N PRO D 51 -3.44 12.79 -5.54
CA PRO D 51 -4.69 12.30 -4.99
C PRO D 51 -5.51 11.38 -5.86
N GLN D 52 -5.31 11.47 -7.15
CA GLN D 52 -6.07 10.67 -8.06
C GLN D 52 -5.73 9.20 -8.12
N ASP D 53 -6.74 8.35 -8.19
CA ASP D 53 -6.46 6.95 -8.42
C ASP D 53 -6.07 6.95 -9.90
N GLN D 54 -4.79 6.97 -10.22
CA GLN D 54 -4.37 7.04 -11.61
C GLN D 54 -3.34 5.97 -11.97
N PRO D 55 -2.99 5.80 -13.25
CA PRO D 55 -1.98 4.77 -13.61
C PRO D 55 -0.59 5.09 -13.13
N ASP D 56 0.28 4.07 -13.08
CA ASP D 56 1.69 4.31 -12.83
C ASP D 56 2.32 5.20 -13.88
N TYR D 57 3.33 5.97 -13.47
CA TYR D 57 4.14 6.77 -14.38
C TYR D 57 5.27 5.97 -14.98
N LEU D 58 5.59 6.29 -16.22
CA LEU D 58 6.92 6.04 -16.75
C LEU D 58 7.68 7.33 -16.51
N ASN D 59 8.76 7.26 -15.73
CA ASN D 59 9.67 8.40 -15.57
C ASN D 59 11.06 8.15 -16.16
N ALA D 60 11.67 9.21 -16.69
CA ALA D 60 12.99 9.16 -17.26
C ALA D 60 13.61 10.56 -17.28
N ALA D 61 14.85 10.65 -17.72
CA ALA D 61 15.56 11.93 -17.78
C ALA D 61 16.40 11.93 -19.06
N VAL D 62 16.58 13.11 -19.63
N VAL D 62 16.56 13.09 -19.66
CA VAL D 62 17.37 13.31 -20.85
CA VAL D 62 17.40 13.20 -20.84
C VAL D 62 18.31 14.49 -20.67
C VAL D 62 18.28 14.43 -20.68
N ALA D 63 19.50 14.32 -21.20
CA ALA D 63 20.50 15.41 -21.26
C ALA D 63 20.44 15.93 -22.71
N LEU D 64 20.13 17.21 -22.85
CA LEU D 64 20.00 17.86 -24.16
C LEU D 64 20.96 19.04 -24.21
N GLU D 65 21.97 18.96 -25.07
CA GLU D 65 22.83 20.15 -25.31
C GLU D 65 22.12 21.07 -26.29
N THR D 66 22.18 22.36 -25.99
CA THR D 66 21.44 23.32 -26.76
C THR D 66 22.07 24.67 -26.69
N SER D 67 21.91 25.45 -27.75
CA SER D 67 22.26 26.87 -27.73
C SER D 67 21.02 27.76 -27.73
N LEU D 68 19.84 27.16 -27.54
CA LEU D 68 18.61 27.93 -27.36
C LEU D 68 18.61 28.64 -26.02
N ALA D 69 17.97 29.81 -25.95
CA ALA D 69 17.66 30.42 -24.63
C ALA D 69 16.69 29.53 -23.84
N PRO D 70 16.71 29.65 -22.49
CA PRO D 70 15.96 28.71 -21.65
C PRO D 70 14.45 28.80 -21.95
N GLU D 71 13.92 30.00 -22.13
CA GLU D 71 12.49 30.12 -22.46
C GLU D 71 12.15 29.61 -23.87
N GLU D 72 13.13 29.63 -24.78
CA GLU D 72 12.94 29.06 -26.12
CA GLU D 72 12.93 29.08 -26.11
C GLU D 72 12.90 27.55 -26.07
N LEU D 73 13.74 26.94 -25.23
CA LEU D 73 13.63 25.52 -24.99
C LEU D 73 12.21 25.19 -24.43
N LEU D 74 11.76 25.97 -23.46
CA LEU D 74 10.44 25.76 -22.87
C LEU D 74 9.37 25.81 -23.96
N ASN D 75 9.51 26.77 -24.90
CA ASN D 75 8.53 26.80 -26.01
C ASN D 75 8.41 25.49 -26.74
N HIS D 76 9.54 24.86 -27.00
CA HIS D 76 9.57 23.57 -27.66
C HIS D 76 9.02 22.42 -26.81
N THR D 77 9.35 22.38 -25.54
CA THR D 77 8.86 21.32 -24.69
C THR D 77 7.33 21.42 -24.53
N GLN D 78 6.85 22.64 -24.37
CA GLN D 78 5.38 22.87 -24.35
C GLN D 78 4.70 22.44 -25.63
N ARG D 79 5.28 22.80 -26.76
CA ARG D 79 4.72 22.43 -28.05
C ARG D 79 4.67 20.89 -28.19
N ILE D 80 5.72 20.21 -27.80
CA ILE D 80 5.75 18.74 -27.87
C ILE D 80 4.66 18.10 -27.02
N GLU D 81 4.54 18.56 -25.77
CA GLU D 81 3.46 18.09 -24.90
C GLU D 81 2.07 18.24 -25.55
N LEU D 82 1.77 19.44 -26.05
CA LEU D 82 0.51 19.70 -26.70
C LEU D 82 0.29 18.88 -27.98
N GLN D 83 1.33 18.72 -28.79
CA GLN D 83 1.22 17.97 -30.03
C GLN D 83 1.04 16.48 -29.80
N GLN D 84 1.50 16.00 -28.66
CA GLN D 84 1.28 14.61 -28.22
C GLN D 84 0.00 14.47 -27.31
N GLY D 85 -0.91 15.42 -27.43
CA GLY D 85 -2.23 15.25 -26.93
C GLY D 85 -2.42 15.58 -25.47
N ARG D 86 -1.49 16.31 -24.88
CA ARG D 86 -1.68 16.80 -23.52
C ARG D 86 -2.83 17.81 -23.43
N VAL D 87 -3.75 17.52 -22.52
CA VAL D 87 -4.96 18.36 -22.39
C VAL D 87 -5.11 18.75 -20.94
N ARG D 88 -5.31 20.02 -20.70
CA ARG D 88 -5.41 20.54 -19.37
C ARG D 88 -6.83 20.26 -18.86
N LYS D 89 -6.90 19.73 -17.66
CA LYS D 89 -8.13 19.50 -16.95
C LYS D 89 -8.18 20.60 -15.85
N ALA D 90 -9.39 20.94 -15.42
CA ALA D 90 -9.62 21.97 -14.44
C ALA D 90 -8.97 21.60 -13.14
N GLU D 91 -8.94 20.33 -12.83
CA GLU D 91 -8.30 19.91 -11.61
C GLU D 91 -6.77 20.17 -11.51
N ARG D 92 -6.02 19.89 -12.57
CA ARG D 92 -4.73 20.55 -12.86
C ARG D 92 -3.48 19.92 -12.22
N TRP D 93 -3.67 19.00 -11.29
CA TRP D 93 -2.72 17.94 -11.02
C TRP D 93 -3.60 16.71 -11.23
N GLY D 94 -3.07 15.75 -11.95
CA GLY D 94 -3.87 14.65 -12.54
C GLY D 94 -3.06 13.94 -13.63
N PRO D 95 -3.63 12.90 -14.27
CA PRO D 95 -2.87 12.12 -15.26
C PRO D 95 -2.58 12.88 -16.53
N ARG D 96 -1.51 12.47 -17.20
CA ARG D 96 -1.23 13.06 -18.48
C ARG D 96 -0.44 12.26 -19.43
N THR D 97 -0.69 12.58 -20.67
CA THR D 97 -0.02 11.93 -21.78
C THR D 97 1.48 12.13 -21.77
N LEU D 98 1.93 13.35 -21.46
CA LEU D 98 3.34 13.65 -21.44
C LEU D 98 3.61 14.88 -20.60
N ASP D 99 4.66 14.81 -19.81
CA ASP D 99 5.10 15.92 -19.01
C ASP D 99 6.63 16.08 -19.16
N LEU D 100 7.07 17.27 -19.61
CA LEU D 100 8.46 17.55 -19.83
C LEU D 100 8.84 18.71 -18.91
N ASP D 101 9.62 18.45 -17.87
CA ASP D 101 9.99 19.47 -16.89
C ASP D 101 11.44 19.77 -17.14
N ILE D 102 11.78 21.05 -17.24
CA ILE D 102 13.16 21.43 -17.32
C ILE D 102 13.70 21.41 -15.89
N MET D 103 14.57 20.44 -15.59
CA MET D 103 15.17 20.37 -14.24
C MET D 103 16.27 21.38 -14.04
N LEU D 104 17.23 21.40 -14.98
CA LEU D 104 18.40 22.22 -14.92
C LEU D 104 18.70 22.75 -16.29
N PHE D 105 19.19 23.98 -16.34
CA PHE D 105 19.70 24.56 -17.58
C PHE D 105 21.10 25.08 -17.29
N GLY D 106 22.07 24.19 -17.51
CA GLY D 106 23.46 24.45 -17.11
C GLY D 106 23.50 24.91 -15.67
N ASN D 107 24.21 26.01 -15.44
CA ASN D 107 24.35 26.54 -14.09
C ASN D 107 23.32 27.57 -13.74
N GLU D 108 22.37 27.83 -14.64
CA GLU D 108 21.52 28.98 -14.51
C GLU D 108 20.48 28.86 -13.42
N VAL D 109 20.21 29.99 -12.72
CA VAL D 109 19.10 30.12 -11.80
C VAL D 109 18.10 31.08 -12.40
N ILE D 110 16.90 30.61 -12.71
CA ILE D 110 15.91 31.36 -13.46
C ILE D 110 14.66 31.38 -12.63
N ASN D 111 14.10 32.58 -12.44
CA ASN D 111 12.84 32.75 -11.73
C ASN D 111 11.95 33.76 -12.46
N THR D 112 11.24 33.31 -13.48
CA THR D 112 10.38 34.19 -14.27
C THR D 112 8.97 33.65 -14.16
N GLU D 113 8.02 34.38 -14.75
CA GLU D 113 6.65 33.93 -14.70
C GLU D 113 6.45 32.56 -15.32
N ARG D 114 7.12 32.28 -16.43
CA ARG D 114 6.92 31.00 -17.10
C ARG D 114 7.89 29.93 -16.67
N LEU D 115 9.00 30.30 -16.03
CA LEU D 115 10.10 29.35 -15.86
C LEU D 115 10.85 29.53 -14.56
N THR D 116 10.92 28.44 -13.80
CA THR D 116 11.66 28.35 -12.57
C THR D 116 12.62 27.18 -12.70
N VAL D 117 13.91 27.50 -12.70
CA VAL D 117 15.01 26.54 -12.83
C VAL D 117 16.07 26.92 -11.78
N PRO D 118 16.67 25.97 -11.06
CA PRO D 118 16.29 24.55 -11.06
C PRO D 118 14.83 24.27 -10.73
N HIS D 119 14.33 23.14 -11.19
CA HIS D 119 12.99 22.76 -10.88
C HIS D 119 12.78 22.85 -9.36
N TYR D 120 11.71 23.51 -8.95
CA TYR D 120 11.50 23.88 -7.52
C TYR D 120 11.50 22.73 -6.51
N ASP D 121 11.14 21.54 -6.96
CA ASP D 121 11.00 20.36 -6.08
C ASP D 121 11.87 19.19 -6.43
N MET D 122 12.82 19.36 -7.37
CA MET D 122 13.55 18.18 -7.84
C MET D 122 14.39 17.50 -6.77
N LYS D 123 14.93 18.27 -5.81
CA LYS D 123 15.77 17.68 -4.79
C LYS D 123 14.97 16.80 -3.83
N ASN D 124 13.62 16.79 -3.98
CA ASN D 124 12.75 15.99 -3.14
C ASN D 124 12.13 14.82 -3.87
N ARG D 125 12.52 14.62 -5.13
CA ARG D 125 11.89 13.60 -5.98
C ARG D 125 12.84 12.53 -6.49
N GLY D 126 12.72 11.31 -5.92
CA GLY D 126 13.54 10.20 -6.36
C GLY D 126 13.35 9.90 -7.86
N PHE D 127 12.12 10.06 -8.36
CA PHE D 127 11.83 9.82 -9.78
C PHE D 127 12.48 10.80 -10.73
N MET D 128 12.97 11.94 -10.20
CA MET D 128 13.81 12.83 -10.94
C MET D 128 15.29 12.58 -10.69
N LEU D 129 15.68 12.42 -9.43
CA LEU D 129 17.09 12.35 -9.06
C LEU D 129 17.76 11.06 -9.47
N TRP D 130 17.07 9.93 -9.38
CA TRP D 130 17.71 8.67 -9.79
C TRP D 130 18.00 8.58 -11.28
N PRO D 131 17.04 8.94 -12.14
CA PRO D 131 17.35 8.97 -13.59
C PRO D 131 18.41 9.99 -13.93
N LEU D 132 18.39 11.13 -13.26
CA LEU D 132 19.42 12.14 -13.40
C LEU D 132 20.84 11.60 -13.06
N PHE D 133 20.94 10.89 -11.93
CA PHE D 133 22.21 10.32 -11.52
C PHE D 133 22.76 9.28 -12.52
N GLU D 134 21.85 8.53 -13.16
CA GLU D 134 22.22 7.54 -14.13
C GLU D 134 22.93 8.18 -15.32
N ILE D 135 22.48 9.37 -15.72
CA ILE D 135 23.04 10.07 -16.86
C ILE D 135 24.06 11.15 -16.53
N ALA D 136 24.07 11.61 -15.27
CA ALA D 136 24.95 12.67 -14.84
C ALA D 136 25.46 12.43 -13.41
N PRO D 137 26.25 11.37 -13.20
CA PRO D 137 26.63 11.05 -11.82
C PRO D 137 27.52 12.10 -11.13
N GLU D 138 28.21 12.93 -11.90
CA GLU D 138 29.08 13.97 -11.32
C GLU D 138 28.41 15.33 -11.16
N LEU D 139 27.10 15.41 -11.34
CA LEU D 139 26.41 16.69 -11.35
C LEU D 139 26.49 17.45 -10.04
N VAL D 140 26.77 18.73 -10.14
CA VAL D 140 26.76 19.64 -9.01
C VAL D 140 25.68 20.68 -9.34
N PHE D 141 24.80 20.97 -8.40
CA PHE D 141 23.75 21.94 -8.59
C PHE D 141 24.29 23.35 -8.53
N PRO D 142 23.52 24.34 -9.00
CA PRO D 142 23.96 25.74 -8.91
C PRO D 142 24.35 26.20 -7.53
N ASP D 143 23.73 25.69 -6.47
CA ASP D 143 24.12 26.07 -5.11
C ASP D 143 25.30 25.29 -4.54
N GLY D 144 25.91 24.43 -5.36
CA GLY D 144 27.04 23.66 -4.89
C GLY D 144 26.73 22.31 -4.32
N GLU D 145 25.46 22.00 -4.12
CA GLU D 145 25.10 20.65 -3.65
C GLU D 145 25.45 19.63 -4.72
N MET D 146 26.03 18.52 -4.30
CA MET D 146 26.37 17.42 -5.21
C MET D 146 25.25 16.39 -5.26
N LEU D 147 24.90 15.99 -6.48
CA LEU D 147 23.85 15.00 -6.69
C LEU D 147 24.17 13.71 -5.94
N ARG D 148 25.45 13.30 -5.98
CA ARG D 148 25.86 12.08 -5.30
C ARG D 148 25.63 12.18 -3.79
N GLN D 149 25.86 13.36 -3.20
CA GLN D 149 25.76 13.53 -1.76
C GLN D 149 24.30 13.52 -1.31
N ILE D 150 23.42 14.15 -2.11
CA ILE D 150 21.99 14.11 -1.86
C ILE D 150 21.51 12.64 -1.83
N LEU D 151 21.87 11.89 -2.87
CA LEU D 151 21.40 10.48 -2.96
C LEU D 151 22.07 9.55 -1.93
N HIS D 152 23.25 9.91 -1.43
CA HIS D 152 23.91 9.13 -0.38
C HIS D 152 23.24 9.37 0.97
N THR D 153 22.82 10.62 1.21
CA THR D 153 22.37 11.09 2.50
C THR D 153 20.86 10.94 2.74
N ARG D 154 20.08 11.32 1.75
CA ARG D 154 18.66 11.34 1.84
C ARG D 154 17.94 10.06 1.49
N ALA D 155 16.85 9.81 2.18
CA ALA D 155 16.13 8.60 1.95
C ALA D 155 15.21 8.77 0.74
N PHE D 156 15.49 7.99 -0.30
CA PHE D 156 14.62 7.83 -1.44
C PHE D 156 14.51 6.35 -1.72
N ASP D 157 13.31 5.87 -1.97
CA ASP D 157 13.14 4.52 -2.53
C ASP D 157 13.92 4.37 -3.85
N LYS D 158 14.45 3.18 -4.10
CA LYS D 158 14.94 2.86 -5.44
C LYS D 158 13.75 2.73 -6.38
N LEU D 159 14.01 2.91 -7.67
CA LEU D 159 12.98 2.83 -8.69
C LEU D 159 12.99 1.44 -9.34
N ASN D 160 11.83 0.96 -9.78
CA ASN D 160 11.74 -0.27 -10.60
C ASN D 160 11.72 0.10 -12.08
N LYS D 161 12.29 -0.75 -12.93
CA LYS D 161 12.41 -0.43 -14.35
C LYS D 161 11.08 -0.69 -14.96
N TRP D 162 10.75 0.05 -16.02
CA TRP D 162 9.54 -0.09 -16.78
C TRP D 162 9.56 -1.41 -17.56
CA CA E . -1.90 -16.30 -7.23
CA CA F . -1.21 -18.89 -4.48
CA CA G . 0.21 -20.36 7.61
CA CA H . 13.18 -11.68 2.22
PG ATP I . -1.78 -16.40 -2.07
O1G ATP I . -1.12 -15.15 -2.58
O2G ATP I . -1.06 -17.65 -2.55
O3G ATP I . -2.01 -16.25 -0.59
PB ATP I . -3.65 -16.39 -4.28
O1B ATP I . -2.54 -16.97 -5.13
O2B ATP I . -4.96 -17.11 -4.34
O3B ATP I . -3.27 -16.37 -2.71
PA ATP I . -4.58 -14.48 -6.28
O1A ATP I . -6.07 -14.30 -6.24
O2A ATP I . -3.99 -15.47 -7.23
O3A ATP I . -4.01 -14.84 -4.76
O5' ATP I . -3.96 -13.12 -6.87
C5' ATP I . -4.38 -11.87 -6.35
C4' ATP I . -3.50 -10.72 -6.82
O4' ATP I . -2.19 -10.83 -6.28
C3' ATP I . -3.21 -10.61 -8.31
O3' ATP I . -4.19 -9.86 -8.98
C2' ATP I . -1.84 -9.93 -8.41
O2' ATP I . -1.93 -8.58 -8.90
C1' ATP I . -1.36 -9.89 -6.97
N9 ATP I . 0.02 -10.28 -6.65
C8 ATP I . 0.75 -9.62 -5.72
N7 ATP I . 1.97 -10.17 -5.58
C5 ATP I . 2.01 -11.23 -6.41
C6 ATP I . 3.01 -12.25 -6.73
N6 ATP I . 4.20 -12.20 -6.07
N1 ATP I . 2.71 -13.19 -7.66
C2 ATP I . 1.50 -13.21 -8.28
N3 ATP I . 0.55 -12.29 -8.03
C4 ATP I . 0.72 -11.31 -7.11
C1 5RV J . -5.66 -21.25 2.24
C2 5RV J . -2.25 -22.16 3.22
C3 5RV J . -1.54 -21.81 2.09
C4 5RV J . -3.62 -21.96 3.24
C5 5RV J . -2.18 -21.27 1.00
C6 5RV J . -4.25 -21.41 2.13
C7 5RV J . -3.55 -21.06 0.98
C8 5RV J . -2.43 -24.16 -2.34
C9 5RV J . -3.09 -24.71 -1.27
C10 5RV J . -1.39 -24.85 -2.91
C11 5RV J . -1.74 -26.53 -1.37
C12 5RV J . -4.03 -22.85 -1.64
C13 5RV J . -4.18 -20.45 -0.27
N14 5RV J . -6.80 -21.10 2.37
N15 5RV J . -2.77 -25.92 -0.76
N16 5RV J . -4.08 -23.89 -0.83
N17 5RV J . -1.06 -26.05 -2.42
N18 5RV J . -3.05 -22.95 -2.58
N19 5RV J . -1.33 -27.77 -0.90
O20 5RV J . -0.70 -24.38 -3.98
S21 5RV J . -5.08 -21.47 -1.54
CA CA K . -13.84 -14.74 8.92
CA CA L . -10.11 -14.91 9.84
PG ATP M . -9.71 -17.31 7.38
O1G ATP M . -9.41 -16.72 8.74
O2G ATP M . -10.89 -18.25 7.44
O3G ATP M . -8.46 -17.86 6.73
PB ATP M . -11.25 -15.01 6.61
O1B ATP M . -10.71 -13.80 5.89
O2B ATP M . -11.70 -14.89 8.03
O3B ATP M . -10.09 -16.08 6.40
PA ATP M . -13.96 -14.67 5.52
O1A ATP M . -14.22 -13.93 6.80
O2A ATP M . -13.90 -13.89 4.23
O3A ATP M . -12.56 -15.52 5.73
O5' ATP M . -15.19 -15.72 5.51
C5' ATP M . -15.68 -16.26 4.31
C4' ATP M . -16.60 -17.42 4.63
O4' ATP M . -16.05 -18.36 5.56
C3' ATP M . -17.93 -17.04 5.28
O3' ATP M . -18.91 -16.66 4.31
C2' ATP M . -18.36 -18.32 5.96
O2' ATP M . -19.40 -18.97 5.22
C1' ATP M . -17.14 -19.23 5.88
N9 ATP M . -16.75 -20.01 7.05
C8 ATP M . -16.39 -21.30 6.95
N7 ATP M . -16.02 -21.78 8.17
C5 ATP M . -16.13 -20.77 9.05
C6 ATP M . -15.87 -20.61 10.49
N6 ATP M . -15.43 -21.65 11.21
N1 ATP M . -16.08 -19.40 11.04
C2 ATP M . -16.55 -18.35 10.30
N3 ATP M . -16.76 -18.42 8.97
C4 ATP M . -16.59 -19.58 8.30
C1 5RV N . -3.37 -13.93 5.41
C2 5RV N . -2.25 -16.03 8.16
C3 5RV N . -3.38 -16.05 8.96
C4 5RV N . -2.28 -15.32 6.98
C5 5RV N . -4.52 -15.36 8.60
C6 5RV N . -3.42 -14.64 6.63
C7 5RV N . -4.57 -14.62 7.43
C8 5RV N . -5.39 -11.88 11.08
C9 5RV N . -4.14 -11.66 10.54
C10 5RV N . -5.55 -11.90 12.45
C11 5RV N . -3.31 -11.46 12.64
C12 5RV N . -5.43 -11.93 8.91
C13 5RV N . -5.87 -13.88 7.07
N14 5RV N . -3.31 -13.29 4.44
N15 5RV N . -3.06 -11.44 11.31
N16 5RV N . -4.18 -11.68 9.18
N17 5RV N . -4.49 -11.68 13.23
N18 5RV N . -6.22 -12.06 10.02
N19 5RV N . -2.25 -11.23 13.51
O20 5RV N . -6.75 -12.12 13.06
S21 5RV N . -6.11 -12.08 7.34
CA CA O . -7.21 22.05 -0.25
CA CA P . -3.58 22.05 0.90
CA CA Q . 7.14 16.42 -1.47
PG ATP R . -2.90 19.81 -1.72
O1G ATP R . -2.77 20.29 -0.31
O2G ATP R . -4.09 18.91 -1.92
O3G ATP R . -1.63 19.32 -2.39
PB ATP R . -4.55 22.13 -2.40
O1B ATP R . -4.16 23.51 -2.83
O2B ATP R . -5.02 22.06 -0.94
O3B ATP R . -3.28 21.16 -2.56
PA ATP R . -7.20 22.38 -3.55
O1A ATP R . -7.50 23.02 -2.23
O2A ATP R . -7.14 23.26 -4.78
O3A ATP R . -5.75 21.59 -3.38
O5' ATP R . -8.40 21.32 -3.73
C5' ATP R . -8.70 20.72 -4.97
C4' ATP R . -9.69 19.56 -4.79
O4' ATP R . -9.21 18.64 -3.81
C3' ATP R . -11.08 19.87 -4.22
O3' ATP R . -12.02 20.22 -5.26
C2' ATP R . -11.47 18.56 -3.53
O2' ATP R . -12.51 17.89 -4.22
C1' ATP R . -10.26 17.66 -3.62
N9 ATP R . -9.86 16.81 -2.48
C8 ATP R . -9.45 15.53 -2.58
N7 ATP R . -9.11 15.02 -1.36
C5 ATP R . -9.29 16.02 -0.47
C6 ATP R . -9.11 16.19 0.98
N6 ATP R . -8.66 15.14 1.67
N1 ATP R . -9.44 17.39 1.55
C2 ATP R . -9.88 18.42 0.81
N3 ATP R . -10.05 18.34 -0.52
C4 ATP R . -9.77 17.19 -1.21
C1 5RV S . 3.43 22.38 -3.82
C2 5RV S . 4.34 21.00 -0.60
C3 5RV S . 3.19 21.21 0.13
C4 5RV S . 4.36 21.41 -1.91
C5 5RV S . 2.08 21.82 -0.43
C6 5RV S . 3.25 22.01 -2.46
C7 5RV S . 2.09 22.25 -1.73
C8 5RV S . 1.00 25.17 1.71
C9 5RV S . 2.24 25.46 1.19
C10 5RV S . 0.81 25.23 3.06
C11 5RV S . 3.03 25.87 3.25
C12 5RV S . 1.04 24.99 -0.47
C13 5RV S . 0.82 22.90 -2.29
N14 5RV S . 3.66 22.78 -4.90
N15 5RV S . 3.29 25.82 1.95
N16 5RV S . 2.26 25.36 -0.17
N17 5RV S . 1.86 25.59 3.83
N18 5RV S . 0.24 24.87 0.62
N19 5RV S . 4.07 26.24 4.10
O20 5RV S . -0.37 24.96 3.68
S21 5RV S . 0.46 24.69 -2.09
CA CA T . 5.36 20.05 -16.14
CA CA U . 6.06 17.47 -13.42
PG ATP V . 5.35 19.99 -11.09
O1G ATP V . 5.93 21.11 -11.62
O2G ATP V . 6.10 18.85 -11.44
O3G ATP V . 5.16 19.95 -9.68
PB ATP V . 3.56 19.86 -13.29
O1B ATP V . 4.61 19.34 -13.99
O2B ATP V . 2.28 19.17 -13.34
O3B ATP V . 3.94 19.81 -11.77
PA ATP V . 2.74 21.74 -15.25
O1A ATP V . 1.36 21.96 -15.14
O2A ATP V . 3.15 20.80 -16.16
O3A ATP V . 3.33 21.35 -13.72
O5' ATP V . 3.29 23.12 -15.70
C5' ATP V . 2.78 24.36 -15.45
C4' ATP V . 3.69 25.51 -15.85
O4' ATP V . 4.93 25.44 -15.22
C3' ATP V . 4.04 25.61 -17.34
O3' ATP V . 3.04 26.22 -18.13
C2' ATP V . 5.37 26.36 -17.36
O2' ATP V . 5.21 27.70 -17.71
C1' ATP V . 5.80 26.30 -15.89
N9 ATP V . 7.19 25.99 -15.54
C8 ATP V . 7.86 26.59 -14.58
N7 ATP V . 9.08 26.09 -14.41
C5 ATP V . 9.18 25.12 -15.26
C6 ATP V . 10.22 24.14 -15.58
N6 ATP V . 11.35 24.20 -14.88
N1 ATP V . 9.91 23.22 -16.50
C2 ATP V . 8.72 23.23 -17.13
N3 ATP V . 7.73 24.07 -16.90
C4 ATP V . 7.92 25.02 -15.98
C1 5RV W . 1.40 15.63 -6.66
C2 5RV W . 4.85 14.60 -5.97
C3 5RV W . 5.44 14.84 -7.19
C4 5RV W . 3.50 14.88 -5.82
C5 5RV W . 4.70 15.33 -8.24
C6 5RV W . 2.77 15.37 -6.89
C7 5RV W . 3.35 15.59 -8.13
C8 5RV W . 4.40 12.48 -11.31
C9 5RV W . 3.70 11.90 -10.28
C10 5RV W . 5.48 11.81 -11.84
C11 5RV W . 5.07 10.10 -10.37
C12 5RV W . 2.77 13.75 -10.65
C13 5RV W . 2.59 16.14 -9.34
N14 5RV W . 0.28 15.89 -6.47
N15 5RV W . 4.00 10.67 -9.79
N16 5RV W . 2.67 12.69 -9.89
N17 5RV W . 5.81 10.61 -11.36
N18 5RV W . 3.80 13.69 -11.52
N19 5RV W . 5.46 8.84 -9.90
O20 5RV W . 6.25 12.30 -12.85
S21 5RV W . 1.70 15.13 -10.60
#